data_6RUU
#
_entry.id   6RUU
#
_cell.length_a   53.550
_cell.length_b   167.160
_cell.length_c   179.510
_cell.angle_alpha   90.000
_cell.angle_beta   90.000
_cell.angle_gamma   90.000
#
_symmetry.space_group_name_H-M   'P 21 21 2'
#
loop_
_entity.id
_entity.type
_entity.pdbx_description
1 polymer 'Interleukin-1 receptor-associated kinase 3'
2 non-polymer 'MERCURY (II) ION'
3 non-polymer GLYCEROL
4 non-polymer 'SULFATE ION'
#
_entity_poly.entity_id   1
_entity_poly.type   'polypeptide(L)'
_entity_poly.pdbx_seq_one_letter_code
;GPLGSKGVLLKSSISFQNIIEGTRNFHKDFLIGEGEIFEVYRVEIQNLTYAVKLFKQEKKMQCKKHWKRFLSELEVLLLF
HHPNILELAAYFTETEKFCLIYPYMRNGTLFDRLQCVGDTAPLPWHIRIGILIGISKAIHYLHNVQPCSVICGSISSANI
LLDDQFQPKLTDFAMAHFRSHLEHQSCTINMTSSSSKHLWYMPEEYIRQGKLSIKTDVYSFGIVIMEVLTGCRVVLDDPK
HIQLRDLLRELMEKRGLDSCLSFLDKKVPPCPRNFSAKLFCLAGRCAATRAKLRPSMDEVLNTLESTQASLYFAE
;
_entity_poly.pdbx_strand_id   A,B,C
#
# COMPACT_ATOMS: atom_id res chain seq x y z
N ILE A 14 28.14 -16.46 -6.59
CA ILE A 14 26.91 -17.09 -7.05
C ILE A 14 26.91 -17.20 -8.57
N SER A 15 25.82 -17.73 -9.12
CA SER A 15 25.63 -17.83 -10.57
C SER A 15 24.17 -18.17 -10.84
N PHE A 16 23.64 -17.62 -11.95
CA PHE A 16 22.27 -17.94 -12.34
C PHE A 16 22.12 -19.42 -12.68
N GLN A 17 23.19 -20.07 -13.10
CA GLN A 17 23.13 -21.52 -13.32
C GLN A 17 22.89 -22.26 -12.01
N ASN A 18 23.40 -21.74 -10.89
CA ASN A 18 23.14 -22.37 -9.61
C ASN A 18 21.66 -22.25 -9.24
N ILE A 19 21.05 -21.11 -9.53
CA ILE A 19 19.65 -20.88 -9.16
C ILE A 19 18.74 -21.83 -9.93
N ILE A 20 18.87 -21.85 -11.26
CA ILE A 20 17.99 -22.67 -12.08
C ILE A 20 18.05 -24.13 -11.67
N GLU A 21 19.19 -24.58 -11.16
CA GLU A 21 19.32 -25.95 -10.67
C GLU A 21 18.67 -26.10 -9.30
N GLY A 22 19.05 -25.26 -8.35
CA GLY A 22 18.50 -25.31 -7.00
C GLY A 22 17.01 -25.05 -6.93
N THR A 23 16.39 -24.61 -8.01
CA THR A 23 14.94 -24.41 -8.04
C THR A 23 14.22 -25.36 -8.98
N ARG A 24 14.95 -26.18 -9.74
CA ARG A 24 14.37 -27.17 -10.64
C ARG A 24 13.46 -26.50 -11.68
N ASN A 25 14.04 -25.55 -12.42
CA ASN A 25 13.31 -24.76 -13.41
C ASN A 25 12.11 -24.08 -12.77
N PHE A 26 12.27 -23.64 -11.52
CA PHE A 26 11.26 -22.91 -10.76
C PHE A 26 9.98 -23.74 -10.62
N HIS A 27 10.16 -24.95 -10.08
CA HIS A 27 9.03 -25.85 -9.88
C HIS A 27 8.15 -25.36 -8.73
N LYS A 28 6.89 -25.80 -8.76
CA LYS A 28 5.92 -25.32 -7.77
C LYS A 28 6.29 -25.74 -6.36
N ASP A 29 7.02 -26.84 -6.20
CA ASP A 29 7.33 -27.35 -4.87
C ASP A 29 8.36 -26.51 -4.13
N PHE A 30 9.00 -25.55 -4.78
CA PHE A 30 10.02 -24.75 -4.14
C PHE A 30 9.61 -23.32 -3.84
N LEU A 31 8.38 -22.93 -4.17
CA LEU A 31 7.93 -21.59 -3.84
C LEU A 31 7.49 -21.52 -2.39
N ILE A 32 7.98 -20.51 -1.67
CA ILE A 32 7.58 -20.28 -0.29
C ILE A 32 6.29 -19.47 -0.24
N GLY A 33 6.14 -18.53 -1.15
CA GLY A 33 4.93 -17.74 -1.24
C GLY A 33 4.92 -16.96 -2.53
N GLU A 34 3.71 -16.54 -2.93
CA GLU A 34 3.53 -15.77 -4.15
C GLU A 34 2.98 -14.40 -3.81
N GLY A 35 3.79 -13.36 -4.05
CA GLY A 35 3.35 -11.99 -3.90
C GLY A 35 2.55 -11.53 -5.11
N GLU A 36 2.14 -10.27 -5.06
CA GLU A 36 1.30 -9.74 -6.13
C GLU A 36 2.05 -9.62 -7.43
N ILE A 37 3.33 -9.25 -7.38
CA ILE A 37 4.12 -8.98 -8.57
C ILE A 37 5.30 -9.92 -8.74
N PHE A 38 5.66 -10.71 -7.73
CA PHE A 38 6.82 -11.59 -7.78
C PHE A 38 6.42 -13.01 -7.43
N GLU A 39 7.41 -13.90 -7.46
CA GLU A 39 7.31 -15.26 -6.98
C GLU A 39 8.53 -15.55 -6.12
N VAL A 40 8.31 -16.01 -4.90
CA VAL A 40 9.39 -16.34 -3.96
C VAL A 40 9.63 -17.84 -4.00
N TYR A 41 10.89 -18.24 -4.12
CA TYR A 41 11.29 -19.65 -4.12
C TYR A 41 12.38 -19.86 -3.08
N ARG A 42 12.54 -21.10 -2.66
CA ARG A 42 13.61 -21.50 -1.74
C ARG A 42 14.73 -22.16 -2.54
N VAL A 43 15.95 -21.68 -2.32
CA VAL A 43 17.13 -22.23 -3.00
C VAL A 43 18.24 -22.40 -1.98
N GLU A 44 18.86 -23.57 -1.96
CA GLU A 44 20.00 -23.85 -1.10
C GLU A 44 21.19 -24.20 -1.98
N ILE A 45 22.26 -23.41 -1.87
CA ILE A 45 23.45 -23.60 -2.69
C ILE A 45 24.69 -23.45 -1.80
N GLN A 46 25.67 -24.33 -2.00
CA GLN A 46 26.96 -24.27 -1.32
C GLN A 46 26.78 -24.25 0.20
N ASN A 47 26.08 -25.25 0.71
CA ASN A 47 25.82 -25.47 2.13
C ASN A 47 25.10 -24.29 2.79
N LEU A 48 24.59 -23.35 2.03
CA LEU A 48 23.78 -22.25 2.54
C LEU A 48 22.45 -22.21 1.80
N THR A 49 21.44 -21.66 2.46
CA THR A 49 20.11 -21.55 1.90
C THR A 49 19.78 -20.09 1.63
N TYR A 50 19.05 -19.86 0.54
CA TYR A 50 18.71 -18.51 0.10
C TYR A 50 17.24 -18.46 -0.30
N ALA A 51 16.72 -17.25 -0.41
CA ALA A 51 15.35 -17.02 -0.86
C ALA A 51 15.42 -16.21 -2.15
N VAL A 52 15.09 -16.83 -3.28
CA VAL A 52 15.09 -16.14 -4.56
C VAL A 52 13.69 -15.61 -4.80
N LYS A 53 13.61 -14.40 -5.33
CA LYS A 53 12.33 -13.75 -5.61
C LYS A 53 12.34 -13.37 -7.09
N LEU A 54 11.45 -13.99 -7.85
CA LEU A 54 11.45 -13.91 -9.31
C LEU A 54 10.37 -12.95 -9.78
N PHE A 55 10.68 -12.18 -10.82
CA PHE A 55 9.69 -11.30 -11.42
C PHE A 55 8.56 -12.13 -12.01
N LYS A 56 7.33 -11.82 -11.62
CA LYS A 56 6.18 -12.54 -12.17
C LYS A 56 6.01 -12.10 -13.62
N GLN A 57 6.65 -12.82 -14.54
CA GLN A 57 6.83 -12.32 -15.91
C GLN A 57 5.49 -12.08 -16.59
N GLU A 58 4.60 -13.07 -16.54
CA GLU A 58 3.23 -12.93 -17.05
C GLU A 58 3.17 -12.35 -18.47
N GLN A 62 0.06 -4.98 -15.59
CA GLN A 62 0.65 -5.13 -16.92
C GLN A 62 2.15 -4.79 -16.90
N CYS A 63 2.76 -4.87 -18.09
CA CYS A 63 4.18 -4.56 -18.29
C CYS A 63 4.70 -3.38 -17.48
N LYS A 64 4.13 -2.19 -17.70
CA LYS A 64 4.76 -0.98 -17.19
C LYS A 64 4.70 -0.89 -15.67
N LYS A 65 3.57 -1.30 -15.08
CA LYS A 65 3.39 -1.13 -13.64
C LYS A 65 4.28 -2.10 -12.86
N HIS A 66 4.21 -3.39 -13.19
CA HIS A 66 5.01 -4.39 -12.49
C HIS A 66 6.50 -4.14 -12.64
N TRP A 67 6.92 -3.58 -13.77
CA TRP A 67 8.33 -3.34 -13.99
C TRP A 67 8.86 -2.22 -13.10
N LYS A 68 8.08 -1.13 -12.98
CA LYS A 68 8.49 -0.03 -12.10
C LYS A 68 8.71 -0.51 -10.67
N ARG A 69 7.79 -1.33 -10.16
CA ARG A 69 7.95 -1.87 -8.81
C ARG A 69 9.21 -2.71 -8.69
N PHE A 70 9.51 -3.53 -9.70
CA PHE A 70 10.76 -4.29 -9.71
C PHE A 70 11.96 -3.40 -9.47
N LEU A 71 12.00 -2.25 -10.15
CA LEU A 71 13.11 -1.31 -9.98
C LEU A 71 13.15 -0.74 -8.57
N SER A 72 11.99 -0.52 -7.94
CA SER A 72 11.98 0.00 -6.58
C SER A 72 12.76 -0.90 -5.63
N GLU A 73 12.49 -2.21 -5.68
CA GLU A 73 13.29 -3.18 -4.94
C GLU A 73 14.78 -2.96 -5.17
N LEU A 74 15.20 -3.05 -6.43
CA LEU A 74 16.63 -3.08 -6.75
C LEU A 74 17.30 -1.76 -6.39
N GLU A 75 16.62 -0.64 -6.62
CA GLU A 75 17.21 0.66 -6.34
C GLU A 75 17.57 0.79 -4.86
N VAL A 76 16.58 0.65 -3.98
CA VAL A 76 16.81 0.94 -2.57
C VAL A 76 17.74 -0.09 -1.94
N LEU A 77 17.73 -1.33 -2.43
CA LEU A 77 18.59 -2.36 -1.86
C LEU A 77 20.05 -2.19 -2.25
N LEU A 78 20.33 -1.50 -3.36
CA LEU A 78 21.70 -1.25 -3.78
C LEU A 78 22.24 0.06 -3.25
N LEU A 79 21.36 1.03 -2.99
CA LEU A 79 21.78 2.36 -2.58
C LEU A 79 21.77 2.56 -1.08
N PHE A 80 21.03 1.72 -0.34
CA PHE A 80 20.77 1.97 1.06
C PHE A 80 20.91 0.66 1.83
N HIS A 81 21.72 0.67 2.88
CA HIS A 81 21.94 -0.50 3.69
C HIS A 81 21.75 -0.14 5.17
N HIS A 82 21.25 -1.11 5.93
CA HIS A 82 20.98 -0.92 7.35
C HIS A 82 20.88 -2.30 7.98
N PRO A 83 21.33 -2.47 9.22
CA PRO A 83 21.32 -3.82 9.84
C PRO A 83 19.93 -4.43 9.91
N ASN A 84 18.87 -3.62 9.89
CA ASN A 84 17.51 -4.12 10.00
C ASN A 84 16.80 -4.15 8.64
N ILE A 85 17.55 -4.23 7.55
CA ILE A 85 17.00 -4.36 6.20
C ILE A 85 17.61 -5.58 5.55
N LEU A 86 16.75 -6.47 5.05
CA LEU A 86 17.22 -7.67 4.38
C LEU A 86 18.11 -7.28 3.20
N GLU A 87 19.37 -7.71 3.24
CA GLU A 87 20.31 -7.39 2.18
C GLU A 87 19.94 -8.12 0.90
N LEU A 88 20.29 -7.51 -0.23
CA LEU A 88 20.23 -8.16 -1.53
C LEU A 88 21.63 -8.67 -1.84
N ALA A 89 21.78 -9.99 -1.89
CA ALA A 89 23.12 -10.57 -2.08
C ALA A 89 23.50 -10.71 -3.54
N ALA A 90 22.53 -10.90 -4.44
CA ALA A 90 22.84 -10.97 -5.86
C ALA A 90 21.56 -10.77 -6.67
N TYR A 91 21.75 -10.39 -7.93
CA TYR A 91 20.67 -10.21 -8.88
C TYR A 91 21.12 -10.72 -10.24
N PHE A 92 20.18 -11.24 -11.03
CA PHE A 92 20.52 -11.85 -12.30
C PHE A 92 19.56 -11.39 -13.38
N THR A 93 20.12 -11.08 -14.55
CA THR A 93 19.38 -10.53 -15.68
C THR A 93 19.32 -11.46 -16.89
N GLU A 94 19.88 -12.66 -16.80
CA GLU A 94 20.07 -13.50 -17.98
C GLU A 94 18.83 -14.35 -18.25
N THR A 95 18.73 -14.81 -19.50
CA THR A 95 17.62 -15.66 -19.97
C THR A 95 16.28 -14.96 -19.81
N GLU A 96 16.26 -13.64 -19.98
CA GLU A 96 15.13 -12.72 -19.82
C GLU A 96 14.44 -12.86 -18.47
N LYS A 97 15.00 -13.63 -17.54
CA LYS A 97 14.37 -13.86 -16.24
C LYS A 97 15.11 -13.02 -15.21
N PHE A 98 14.36 -12.16 -14.52
CA PHE A 98 14.91 -11.18 -13.60
C PHE A 98 14.56 -11.60 -12.19
N CYS A 99 15.56 -12.04 -11.43
CA CYS A 99 15.34 -12.55 -10.10
C CYS A 99 16.28 -11.87 -9.11
N LEU A 100 15.81 -11.77 -7.87
CA LEU A 100 16.56 -11.20 -6.77
C LEU A 100 16.70 -12.27 -5.70
N ILE A 101 17.90 -12.48 -5.19
CA ILE A 101 18.17 -13.53 -4.21
C ILE A 101 18.53 -12.88 -2.88
N TYR A 102 18.03 -13.46 -1.79
CA TYR A 102 18.13 -12.89 -0.46
C TYR A 102 18.63 -13.93 0.52
N PRO A 103 19.43 -13.52 1.52
CA PRO A 103 19.80 -14.46 2.59
C PRO A 103 18.57 -14.97 3.30
N TYR A 104 18.40 -16.30 3.27
CA TYR A 104 17.20 -16.92 3.82
C TYR A 104 17.17 -16.72 5.32
N MET A 105 16.12 -16.08 5.82
CA MET A 105 15.94 -15.84 7.25
C MET A 105 15.23 -17.05 7.86
N ARG A 106 15.92 -17.76 8.74
CA ARG A 106 15.45 -19.07 9.20
C ARG A 106 14.26 -18.99 10.14
N ASN A 107 14.02 -17.84 10.77
CA ASN A 107 12.90 -17.71 11.70
C ASN A 107 11.65 -17.14 11.05
N GLY A 108 11.53 -17.24 9.73
CA GLY A 108 10.33 -16.85 9.03
C GLY A 108 9.92 -15.40 9.23
N THR A 109 8.70 -15.11 8.78
CA THR A 109 8.16 -13.76 8.86
C THR A 109 7.46 -13.53 10.20
N LEU A 110 7.42 -12.26 10.61
CA LEU A 110 6.81 -11.89 11.89
C LEU A 110 5.40 -12.42 12.00
N PHE A 111 4.60 -12.27 10.94
CA PHE A 111 3.24 -12.78 10.94
C PHE A 111 3.19 -14.27 11.27
N ASP A 112 3.97 -15.08 10.54
CA ASP A 112 3.98 -16.51 10.81
C ASP A 112 4.42 -16.83 12.23
N ARG A 113 5.17 -15.94 12.86
CA ARG A 113 5.62 -16.18 14.22
C ARG A 113 4.59 -15.74 15.26
N LEU A 114 3.92 -14.61 15.02
CA LEU A 114 2.84 -14.19 15.92
C LEU A 114 1.68 -15.17 15.88
N GLN A 115 1.49 -15.87 14.76
CA GLN A 115 0.43 -16.84 14.60
C GLN A 115 0.88 -18.26 14.93
N CYS A 116 2.17 -18.48 15.12
CA CYS A 116 2.72 -19.78 15.51
C CYS A 116 2.29 -20.87 14.51
N VAL A 117 2.70 -20.68 13.25
CA VAL A 117 2.16 -21.49 12.17
C VAL A 117 2.57 -22.95 12.33
N GLY A 118 3.85 -23.21 12.57
CA GLY A 118 4.32 -24.57 12.72
C GLY A 118 4.38 -24.98 14.16
N ASP A 119 3.42 -24.50 14.96
CA ASP A 119 3.44 -24.66 16.42
C ASP A 119 4.78 -24.22 16.99
N THR A 120 5.32 -23.13 16.43
CA THR A 120 6.54 -22.55 16.96
C THR A 120 6.29 -21.94 18.33
N ALA A 121 7.36 -21.83 19.11
CA ALA A 121 7.27 -21.20 20.41
C ALA A 121 6.85 -19.73 20.23
N PRO A 122 5.77 -19.29 20.88
CA PRO A 122 5.34 -17.91 20.71
C PRO A 122 6.39 -16.92 21.20
N LEU A 123 6.43 -15.77 20.57
CA LEU A 123 7.49 -14.80 20.83
C LEU A 123 7.35 -14.20 22.22
N PRO A 124 8.40 -14.24 23.04
CA PRO A 124 8.37 -13.52 24.31
C PRO A 124 8.44 -12.02 24.09
N TRP A 125 8.02 -11.28 25.11
CA TRP A 125 7.85 -9.83 24.94
C TRP A 125 9.17 -9.14 24.64
N HIS A 126 10.26 -9.57 25.26
CA HIS A 126 11.53 -8.87 25.06
C HIS A 126 11.97 -8.98 23.60
N ILE A 127 11.70 -10.11 22.96
CA ILE A 127 11.92 -10.21 21.52
C ILE A 127 10.89 -9.37 20.77
N ARG A 128 9.63 -9.39 21.23
CA ARG A 128 8.59 -8.64 20.55
C ARG A 128 8.93 -7.15 20.48
N ILE A 129 9.53 -6.60 21.54
CA ILE A 129 9.87 -5.18 21.48
C ILE A 129 11.19 -4.97 20.75
N GLY A 130 12.11 -5.93 20.81
CA GLY A 130 13.31 -5.83 20.01
C GLY A 130 12.99 -5.70 18.52
N ILE A 131 12.00 -6.47 18.06
CA ILE A 131 11.58 -6.39 16.66
C ILE A 131 11.01 -5.01 16.35
N LEU A 132 10.08 -4.54 17.19
CA LEU A 132 9.48 -3.23 16.98
C LEU A 132 10.54 -2.13 16.90
N ILE A 133 11.55 -2.20 17.76
CA ILE A 133 12.59 -1.19 17.74
C ILE A 133 13.42 -1.30 16.46
N GLY A 134 13.78 -2.53 16.08
CA GLY A 134 14.61 -2.70 14.91
C GLY A 134 13.97 -2.16 13.64
N ILE A 135 12.68 -2.45 13.45
CA ILE A 135 11.97 -1.96 12.27
C ILE A 135 11.85 -0.43 12.31
N SER A 136 11.54 0.14 13.48
CA SER A 136 11.47 1.59 13.56
C SER A 136 12.82 2.23 13.28
N LYS A 137 13.92 1.56 13.66
CA LYS A 137 15.24 2.06 13.32
C LYS A 137 15.43 2.13 11.81
N ALA A 138 15.04 1.07 11.10
CA ALA A 138 15.21 1.04 9.65
C ALA A 138 14.35 2.10 8.98
N ILE A 139 13.08 2.20 9.38
CA ILE A 139 12.19 3.18 8.75
C ILE A 139 12.70 4.60 9.01
N HIS A 140 13.27 4.84 10.19
CA HIS A 140 13.91 6.13 10.45
C HIS A 140 15.09 6.35 9.52
N TYR A 141 15.91 5.33 9.32
CA TYR A 141 17.05 5.43 8.39
C TYR A 141 16.59 5.85 7.00
N LEU A 142 15.58 5.17 6.46
CA LEU A 142 15.13 5.47 5.10
C LEU A 142 14.55 6.87 5.00
N HIS A 143 13.80 7.29 6.02
CA HIS A 143 13.17 8.61 5.97
C HIS A 143 14.18 9.75 5.99
N ASN A 144 15.46 9.47 6.27
CA ASN A 144 16.45 10.53 6.43
C ASN A 144 17.72 10.25 5.64
N VAL A 145 17.60 9.61 4.49
CA VAL A 145 18.77 9.40 3.64
C VAL A 145 19.06 10.67 2.86
N GLN A 146 20.35 10.89 2.57
CA GLN A 146 20.81 12.19 2.11
C GLN A 146 20.20 12.63 0.77
N PRO A 147 20.25 11.82 -0.33
CA PRO A 147 19.82 12.35 -1.63
C PRO A 147 18.36 12.79 -1.65
N CYS A 148 17.44 11.87 -1.39
CA CYS A 148 16.04 12.19 -1.22
C CYS A 148 15.48 11.17 -0.23
N SER A 149 14.61 11.62 0.67
CA SER A 149 14.03 10.71 1.64
C SER A 149 13.21 9.63 0.92
N VAL A 150 13.43 8.37 1.31
CA VAL A 150 12.69 7.24 0.75
C VAL A 150 11.71 6.74 1.80
N ILE A 151 10.47 6.51 1.37
CA ILE A 151 9.40 6.05 2.25
C ILE A 151 8.92 4.69 1.73
N CYS A 152 8.66 3.78 2.68
CA CYS A 152 8.55 2.37 2.34
C CYS A 152 7.22 2.04 1.68
N GLY A 153 6.12 2.53 2.24
CA GLY A 153 4.81 2.36 1.65
C GLY A 153 4.26 0.95 1.69
N SER A 154 5.04 -0.03 2.15
CA SER A 154 4.59 -1.41 2.21
C SER A 154 5.05 -2.08 3.49
N ILE A 155 4.92 -1.37 4.62
CA ILE A 155 5.20 -1.99 5.92
C ILE A 155 4.10 -3.00 6.22
N SER A 156 4.51 -4.19 6.67
CA SER A 156 3.55 -5.19 7.12
C SER A 156 4.24 -6.16 8.06
N SER A 157 3.43 -6.87 8.84
CA SER A 157 3.95 -7.96 9.66
C SER A 157 4.40 -9.14 8.82
N ALA A 158 4.04 -9.17 7.53
CA ALA A 158 4.49 -10.21 6.62
C ALA A 158 5.73 -9.79 5.83
N ASN A 159 6.09 -8.51 5.86
CA ASN A 159 7.31 -8.01 5.22
C ASN A 159 8.42 -7.78 6.22
N ILE A 160 8.31 -8.36 7.42
CA ILE A 160 9.31 -8.23 8.47
C ILE A 160 9.82 -9.64 8.78
N LEU A 161 11.06 -9.91 8.38
CA LEU A 161 11.65 -11.22 8.56
C LEU A 161 12.51 -11.25 9.82
N LEU A 162 12.80 -12.47 10.29
CA LEU A 162 13.50 -12.67 11.56
C LEU A 162 14.69 -13.60 11.34
N ASP A 163 15.87 -13.14 11.73
CA ASP A 163 17.10 -13.89 11.48
C ASP A 163 17.25 -14.99 12.53
N ASP A 164 18.45 -15.59 12.59
CA ASP A 164 18.69 -16.67 13.53
C ASP A 164 18.65 -16.19 14.96
N GLN A 165 18.97 -14.92 15.20
CA GLN A 165 18.94 -14.33 16.53
C GLN A 165 17.67 -13.51 16.77
N PHE A 166 16.64 -13.71 15.94
CA PHE A 166 15.38 -12.97 16.03
C PHE A 166 15.61 -11.47 16.01
N GLN A 167 16.26 -11.02 14.94
CA GLN A 167 16.51 -9.61 14.69
C GLN A 167 15.76 -9.20 13.43
N PRO A 168 14.97 -8.13 13.48
CA PRO A 168 14.05 -7.87 12.36
C PRO A 168 14.76 -7.39 11.10
N LYS A 169 14.28 -7.86 9.96
CA LYS A 169 14.75 -7.46 8.64
C LYS A 169 13.56 -6.98 7.83
N LEU A 170 13.69 -5.80 7.22
CA LEU A 170 12.60 -5.18 6.49
C LEU A 170 12.71 -5.48 5.01
N THR A 171 11.57 -5.84 4.40
CA THR A 171 11.57 -6.25 2.99
C THR A 171 10.46 -5.58 2.19
N ASP A 172 10.31 -5.99 0.93
CA ASP A 172 9.22 -5.56 0.04
C ASP A 172 9.19 -4.04 -0.12
N PHE A 173 10.25 -3.51 -0.72
CA PHE A 173 10.31 -2.11 -1.09
C PHE A 173 9.81 -1.85 -2.49
N ALA A 174 8.96 -2.74 -3.02
CA ALA A 174 8.43 -2.54 -4.36
C ALA A 174 7.54 -1.30 -4.46
N MET A 175 6.86 -0.95 -3.38
CA MET A 175 5.95 0.19 -3.37
C MET A 175 6.62 1.48 -2.94
N ALA A 176 7.93 1.46 -2.67
CA ALA A 176 8.60 2.62 -2.09
C ALA A 176 8.65 3.78 -3.09
N HIS A 177 8.71 4.99 -2.53
CA HIS A 177 8.75 6.22 -3.32
C HIS A 177 9.77 7.17 -2.74
N PHE A 178 10.37 7.97 -3.61
CA PHE A 178 11.36 8.97 -3.22
C PHE A 178 10.66 10.34 -3.13
N ARG A 179 10.71 10.95 -1.95
CA ARG A 179 10.08 12.24 -1.71
C ARG A 179 11.15 13.28 -1.40
N SER A 180 10.84 14.53 -1.72
CA SER A 180 11.75 15.65 -1.51
C SER A 180 12.06 15.85 -0.02
N SER A 186 2.41 15.54 0.93
CA SER A 186 3.29 16.09 -0.08
C SER A 186 3.71 15.04 -1.11
N CYS A 187 2.72 14.34 -1.66
CA CYS A 187 2.90 13.42 -2.77
C CYS A 187 1.52 13.01 -3.27
N THR A 188 1.51 12.08 -4.23
CA THR A 188 0.26 11.60 -4.81
C THR A 188 0.53 10.26 -5.49
N ILE A 189 -0.54 9.49 -5.68
CA ILE A 189 -0.44 8.19 -6.33
C ILE A 189 -1.72 7.90 -7.10
N ASN A 190 -1.60 7.77 -8.42
CA ASN A 190 -2.71 7.27 -9.21
C ASN A 190 -3.09 5.88 -8.71
N MET A 191 -4.33 5.74 -8.24
CA MET A 191 -4.68 4.57 -7.44
C MET A 191 -4.58 3.28 -8.23
N THR A 192 -4.86 3.32 -9.53
CA THR A 192 -4.76 2.14 -10.38
C THR A 192 -3.31 1.65 -10.46
N HIS A 198 -7.22 -5.51 0.10
CA HIS A 198 -5.84 -5.91 0.39
C HIS A 198 -4.97 -4.69 0.70
N LEU A 199 -5.62 -3.62 1.16
CA LEU A 199 -4.92 -2.40 1.53
C LEU A 199 -5.12 -2.15 3.02
N TRP A 200 -4.91 -3.18 3.85
CA TRP A 200 -5.37 -3.13 5.23
C TRP A 200 -4.61 -2.11 6.06
N TYR A 201 -3.37 -1.78 5.69
CA TYR A 201 -2.55 -0.90 6.52
C TYR A 201 -2.55 0.53 6.02
N MET A 202 -3.47 0.89 5.14
CA MET A 202 -3.17 2.23 4.64
C MET A 202 -4.12 3.25 5.24
N PRO A 203 -3.63 4.45 5.52
CA PRO A 203 -4.49 5.46 6.16
C PRO A 203 -5.62 5.90 5.24
N GLU A 204 -6.50 6.71 5.81
CA GLU A 204 -7.70 7.11 5.07
C GLU A 204 -7.39 8.11 3.97
N GLU A 205 -6.25 8.81 4.03
CA GLU A 205 -5.92 9.74 2.95
C GLU A 205 -5.35 9.01 1.73
N TYR A 206 -4.69 7.88 1.93
CA TYR A 206 -4.22 7.10 0.80
C TYR A 206 -5.38 6.40 0.10
N ILE A 207 -6.29 5.83 0.88
CA ILE A 207 -7.44 5.15 0.30
C ILE A 207 -8.36 6.16 -0.40
N ARG A 208 -8.77 7.20 0.33
CA ARG A 208 -9.83 8.07 -0.16
C ARG A 208 -9.30 9.18 -1.06
N GLN A 209 -8.06 9.62 -0.85
CA GLN A 209 -7.54 10.80 -1.53
C GLN A 209 -6.27 10.53 -2.32
N GLY A 210 -5.74 9.32 -2.27
CA GLY A 210 -4.48 9.01 -2.92
C GLY A 210 -3.25 9.62 -2.29
N LYS A 211 -3.40 10.47 -1.28
CA LYS A 211 -2.26 11.12 -0.65
C LYS A 211 -1.39 10.09 0.07
N LEU A 212 -0.09 10.15 -0.19
CA LEU A 212 0.89 9.29 0.45
C LEU A 212 2.07 10.14 0.87
N SER A 213 2.58 9.89 2.08
CA SER A 213 3.58 10.78 2.67
C SER A 213 4.47 9.98 3.60
N ILE A 214 5.37 10.68 4.28
CA ILE A 214 6.22 10.05 5.28
C ILE A 214 5.37 9.44 6.39
N LYS A 215 4.36 10.18 6.84
CA LYS A 215 3.46 9.70 7.89
C LYS A 215 2.64 8.49 7.46
N THR A 216 2.71 8.09 6.19
CA THR A 216 2.02 6.86 5.80
C THR A 216 2.70 5.63 6.37
N ASP A 217 4.02 5.67 6.53
CA ASP A 217 4.72 4.54 7.12
C ASP A 217 4.34 4.37 8.60
N VAL A 218 4.26 5.48 9.34
CA VAL A 218 4.00 5.37 10.78
C VAL A 218 2.59 4.84 11.02
N TYR A 219 1.65 5.13 10.12
CA TYR A 219 0.31 4.57 10.25
C TYR A 219 0.35 3.05 10.14
N SER A 220 1.09 2.53 9.16
CA SER A 220 1.22 1.09 9.02
C SER A 220 2.07 0.50 10.13
N PHE A 221 3.02 1.26 10.66
CA PHE A 221 3.81 0.75 11.77
C PHE A 221 2.98 0.64 13.03
N GLY A 222 2.00 1.53 13.21
CA GLY A 222 1.12 1.40 14.36
C GLY A 222 0.27 0.13 14.30
N ILE A 223 -0.12 -0.28 13.09
CA ILE A 223 -0.88 -1.52 12.94
C ILE A 223 -0.06 -2.69 13.46
N VAL A 224 1.25 -2.66 13.20
CA VAL A 224 2.12 -3.76 13.60
C VAL A 224 2.21 -3.83 15.12
N ILE A 225 2.32 -2.67 15.78
CA ILE A 225 2.36 -2.63 17.24
C ILE A 225 1.09 -3.26 17.80
N MET A 226 -0.06 -2.92 17.23
CA MET A 226 -1.31 -3.58 17.57
C MET A 226 -1.22 -5.08 17.32
N GLU A 227 -0.63 -5.47 16.19
CA GLU A 227 -0.54 -6.86 15.82
C GLU A 227 0.47 -7.63 16.67
N VAL A 228 1.43 -6.93 17.26
CA VAL A 228 2.38 -7.58 18.16
C VAL A 228 1.76 -7.77 19.54
N LEU A 229 1.10 -6.74 20.06
CA LEU A 229 0.53 -6.80 21.40
C LEU A 229 -0.55 -7.87 21.50
N THR A 230 -1.41 -7.97 20.49
CA THR A 230 -2.55 -8.86 20.57
C THR A 230 -2.26 -10.26 20.04
N GLY A 231 -1.30 -10.39 19.14
CA GLY A 231 -1.13 -11.65 18.46
C GLY A 231 -2.24 -11.99 17.50
N CYS A 232 -3.13 -11.03 17.22
CA CYS A 232 -4.27 -11.24 16.35
C CYS A 232 -3.91 -10.91 14.91
N ARG A 233 -4.74 -11.40 13.99
CA ARG A 233 -4.59 -11.09 12.58
C ARG A 233 -5.09 -9.67 12.32
N VAL A 234 -4.65 -9.11 11.19
CA VAL A 234 -5.04 -7.74 10.86
C VAL A 234 -6.54 -7.65 10.60
N VAL A 235 -7.08 -8.61 9.85
CA VAL A 235 -8.52 -8.82 9.73
C VAL A 235 -8.88 -10.05 10.52
N LEU A 236 -9.84 -9.91 11.43
CA LEU A 236 -10.23 -11.02 12.29
C LEU A 236 -11.10 -11.99 11.50
N ASP A 237 -10.80 -13.28 11.63
CA ASP A 237 -11.42 -14.32 10.80
C ASP A 237 -12.81 -14.68 11.34
N ASP A 238 -13.72 -13.70 11.22
CA ASP A 238 -15.12 -13.87 11.57
C ASP A 238 -15.99 -13.64 10.35
N PRO A 239 -17.29 -13.97 10.39
CA PRO A 239 -18.13 -13.74 9.20
C PRO A 239 -18.17 -12.30 8.74
N LYS A 240 -18.32 -11.34 9.66
CA LYS A 240 -18.45 -9.94 9.25
C LYS A 240 -17.12 -9.32 8.84
N HIS A 241 -16.00 -9.94 9.21
CA HIS A 241 -14.66 -9.47 8.82
C HIS A 241 -14.42 -8.04 9.28
N ILE A 242 -14.37 -7.89 10.60
CA ILE A 242 -14.01 -6.62 11.22
C ILE A 242 -12.51 -6.54 11.34
N GLN A 243 -11.97 -5.34 11.14
CA GLN A 243 -10.53 -5.16 11.17
C GLN A 243 -10.04 -5.03 12.60
N LEU A 244 -8.72 -5.10 12.79
CA LEU A 244 -8.17 -5.04 14.14
C LEU A 244 -8.25 -3.63 14.69
N ARG A 245 -7.69 -2.65 13.97
CA ARG A 245 -7.66 -1.28 14.49
C ARG A 245 -9.07 -0.78 14.79
N ASP A 246 -10.05 -1.19 13.99
CA ASP A 246 -11.42 -0.74 14.22
C ASP A 246 -11.95 -1.28 15.55
N LEU A 247 -11.59 -2.53 15.88
CA LEU A 247 -11.99 -3.10 17.16
C LEU A 247 -11.28 -2.40 18.32
N LEU A 248 -9.95 -2.27 18.23
CA LEU A 248 -9.22 -1.63 19.31
C LEU A 248 -9.65 -0.18 19.49
N ARG A 249 -9.96 0.51 18.39
CA ARG A 249 -10.52 1.86 18.49
C ARG A 249 -11.72 1.88 19.42
N GLU A 250 -12.67 0.96 19.20
CA GLU A 250 -13.88 0.92 20.03
C GLU A 250 -13.54 0.70 21.49
N LEU A 251 -12.60 -0.20 21.79
CA LEU A 251 -12.23 -0.46 23.17
C LEU A 251 -11.65 0.79 23.84
N MET A 252 -10.74 1.48 23.14
CA MET A 252 -10.08 2.63 23.76
C MET A 252 -11.00 3.84 23.85
N GLU A 253 -11.91 4.02 22.89
CA GLU A 253 -12.80 5.17 22.94
C GLU A 253 -13.91 4.97 23.96
N LYS A 254 -14.52 3.78 23.98
CA LYS A 254 -15.66 3.52 24.87
C LYS A 254 -15.20 3.25 26.29
N ARG A 255 -14.40 2.20 26.49
CA ARG A 255 -14.03 1.75 27.82
C ARG A 255 -12.58 2.04 28.20
N GLY A 256 -11.85 2.75 27.35
CA GLY A 256 -10.53 3.20 27.73
C GLY A 256 -9.47 2.13 27.57
N LEU A 257 -8.29 2.44 28.13
CA LEU A 257 -7.12 1.61 27.94
C LEU A 257 -7.19 0.30 28.72
N ASP A 258 -7.98 0.26 29.79
CA ASP A 258 -8.08 -0.96 30.60
C ASP A 258 -8.66 -2.12 29.82
N SER A 259 -9.52 -1.84 28.83
CA SER A 259 -10.08 -2.91 28.04
C SER A 259 -9.12 -3.37 26.95
N CYS A 260 -8.36 -2.44 26.37
CA CYS A 260 -7.36 -2.83 25.38
C CYS A 260 -6.41 -3.87 25.95
N LEU A 261 -6.07 -3.73 27.24
CA LEU A 261 -5.13 -4.65 27.86
C LEU A 261 -5.69 -6.06 28.00
N SER A 262 -7.01 -6.23 27.85
CA SER A 262 -7.59 -7.56 27.88
C SER A 262 -7.28 -8.34 26.60
N PHE A 263 -6.95 -7.64 25.52
CA PHE A 263 -6.53 -8.27 24.26
C PHE A 263 -5.02 -8.52 24.16
N LEU A 264 -4.27 -8.36 25.24
CA LEU A 264 -2.88 -8.78 25.18
C LEU A 264 -2.80 -10.25 24.78
N ASP A 265 -1.69 -10.62 24.17
CA ASP A 265 -1.50 -11.99 23.71
C ASP A 265 -1.46 -12.93 24.90
N LYS A 266 -2.48 -13.78 25.04
CA LYS A 266 -2.55 -14.72 26.15
C LYS A 266 -1.58 -15.88 26.00
N LYS A 267 -0.95 -16.04 24.84
CA LYS A 267 -0.04 -17.16 24.59
C LYS A 267 1.30 -17.00 25.32
N VAL A 268 1.53 -15.87 25.98
CA VAL A 268 2.76 -15.61 26.73
C VAL A 268 2.40 -14.99 28.07
N PRO A 269 3.26 -15.14 29.07
CA PRO A 269 2.97 -14.62 30.41
C PRO A 269 2.69 -13.13 30.37
N PRO A 270 1.97 -12.61 31.36
CA PRO A 270 1.60 -11.19 31.33
C PRO A 270 2.82 -10.28 31.43
N CYS A 271 2.78 -9.21 30.66
CA CYS A 271 3.79 -8.17 30.69
C CYS A 271 3.38 -7.07 31.65
N PRO A 272 4.34 -6.27 32.14
CA PRO A 272 4.00 -5.18 33.06
C PRO A 272 2.98 -4.23 32.43
N ARG A 273 2.03 -3.78 33.23
CA ARG A 273 0.99 -2.90 32.71
C ARG A 273 1.59 -1.61 32.17
N ASN A 274 2.58 -1.05 32.87
CA ASN A 274 3.25 0.16 32.37
C ASN A 274 3.84 -0.08 30.98
N PHE A 275 4.45 -1.25 30.77
CA PHE A 275 4.93 -1.63 29.45
C PHE A 275 3.80 -1.61 28.42
N SER A 276 2.80 -2.46 28.61
CA SER A 276 1.73 -2.59 27.62
C SER A 276 0.93 -1.30 27.46
N ALA A 277 0.81 -0.50 28.52
CA ALA A 277 0.03 0.72 28.41
C ALA A 277 0.70 1.73 27.48
N LYS A 278 2.03 1.84 27.53
CA LYS A 278 2.71 2.82 26.70
C LYS A 278 2.71 2.43 25.24
N LEU A 279 2.68 1.13 24.93
CA LEU A 279 2.66 0.71 23.54
C LEU A 279 1.30 0.96 22.89
N PHE A 280 0.21 0.73 23.65
CA PHE A 280 -1.12 1.03 23.12
C PHE A 280 -1.27 2.53 22.84
N CYS A 281 -0.91 3.37 23.81
CA CYS A 281 -0.90 4.81 23.54
C CYS A 281 -0.03 5.15 22.34
N LEU A 282 1.12 4.50 22.22
CA LEU A 282 1.99 4.72 21.06
C LEU A 282 1.30 4.27 19.77
N ALA A 283 0.78 3.03 19.77
CA ALA A 283 0.09 2.54 18.59
C ALA A 283 -1.12 3.40 18.24
N GLY A 284 -1.73 4.01 19.24
CA GLY A 284 -2.83 4.93 18.97
C GLY A 284 -2.38 6.13 18.17
N ARG A 285 -1.29 6.77 18.61
CA ARG A 285 -0.78 7.95 17.91
C ARG A 285 -0.24 7.58 16.55
N CYS A 286 0.48 6.46 16.44
CA CYS A 286 1.04 6.06 15.14
C CYS A 286 -0.05 5.80 14.12
N ALA A 287 -1.18 5.26 14.55
CA ALA A 287 -2.30 5.00 13.66
C ALA A 287 -3.39 6.07 13.78
N ALA A 288 -3.00 7.30 14.09
CA ALA A 288 -3.97 8.38 14.17
C ALA A 288 -4.67 8.55 12.83
N THR A 289 -5.98 8.77 12.89
CA THR A 289 -6.77 8.83 11.67
C THR A 289 -6.28 9.93 10.74
N ARG A 290 -6.02 11.12 11.28
CA ARG A 290 -5.57 12.24 10.49
C ARG A 290 -4.05 12.35 10.54
N ALA A 291 -3.44 12.47 9.36
CA ALA A 291 -1.98 12.36 9.24
C ALA A 291 -1.24 13.46 9.99
N LYS A 292 -1.86 14.63 10.15
CA LYS A 292 -1.19 15.77 10.77
C LYS A 292 -0.69 15.43 12.17
N LEU A 293 -1.42 14.55 12.88
CA LEU A 293 -1.12 14.27 14.28
C LEU A 293 -0.12 13.13 14.46
N ARG A 294 0.00 12.24 13.48
CA ARG A 294 0.84 11.06 13.66
C ARG A 294 2.29 11.48 13.96
N PRO A 295 2.97 10.80 14.88
CA PRO A 295 4.31 11.22 15.27
C PRO A 295 5.37 10.81 14.27
N SER A 296 6.46 11.57 14.26
CA SER A 296 7.60 11.21 13.44
C SER A 296 8.21 9.92 13.93
N MET A 297 8.77 9.15 13.00
CA MET A 297 9.35 7.86 13.34
C MET A 297 10.48 8.02 14.35
N ASP A 298 11.16 9.17 14.35
CA ASP A 298 12.18 9.43 15.36
C ASP A 298 11.57 9.43 16.76
N GLU A 299 10.41 10.06 16.93
CA GLU A 299 9.74 10.05 18.22
C GLU A 299 9.34 8.65 18.64
N VAL A 300 8.97 7.81 17.67
CA VAL A 300 8.55 6.45 17.97
C VAL A 300 9.71 5.65 18.54
N LEU A 301 10.86 5.70 17.87
CA LEU A 301 12.04 4.97 18.35
C LEU A 301 12.42 5.40 19.75
N ASN A 302 12.24 6.69 20.07
CA ASN A 302 12.51 7.16 21.43
C ASN A 302 11.54 6.53 22.42
N THR A 303 10.26 6.42 22.04
CA THR A 303 9.28 5.82 22.92
C THR A 303 9.52 4.32 23.06
N LEU A 304 9.89 3.66 21.96
CA LEU A 304 10.12 2.22 22.00
C LEU A 304 11.33 1.87 22.86
N GLU A 305 12.36 2.71 22.85
CA GLU A 305 13.53 2.42 23.67
C GLU A 305 13.23 2.62 25.15
N SER A 306 12.58 3.73 25.51
CA SER A 306 12.30 4.01 26.90
C SER A 306 11.30 3.02 27.51
N THR A 307 10.48 2.37 26.68
CA THR A 307 9.54 1.37 27.19
C THR A 307 10.15 -0.02 27.25
N GLN A 308 11.29 -0.27 26.59
CA GLN A 308 11.98 -1.53 26.78
C GLN A 308 12.61 -1.59 28.16
N ALA A 309 13.11 -0.46 28.66
CA ALA A 309 13.62 -0.41 30.02
C ALA A 309 12.53 -0.71 31.03
N SER A 310 11.30 -0.28 30.74
CA SER A 310 10.16 -0.57 31.61
C SER A 310 9.82 -2.05 31.63
N LEU A 311 10.36 -2.84 30.71
CA LEU A 311 10.08 -4.27 30.66
C LEU A 311 11.05 -5.06 31.53
N SER B 13 37.03 -3.39 -10.29
CA SER B 13 36.87 -3.34 -8.84
C SER B 13 37.84 -2.34 -8.21
N ILE B 14 37.29 -1.39 -7.46
CA ILE B 14 38.09 -0.36 -6.80
C ILE B 14 37.43 0.01 -5.48
N SER B 15 38.07 0.89 -4.71
CA SER B 15 37.51 1.39 -3.46
C SER B 15 37.32 2.89 -3.55
N PHE B 16 36.61 3.43 -2.56
CA PHE B 16 36.35 4.88 -2.54
C PHE B 16 37.62 5.66 -2.25
N GLN B 17 38.44 5.18 -1.32
CA GLN B 17 39.69 5.88 -0.98
C GLN B 17 40.65 5.91 -2.16
N ASN B 18 40.58 4.91 -3.05
CA ASN B 18 41.35 4.98 -4.29
C ASN B 18 40.91 6.17 -5.13
N ILE B 19 39.61 6.49 -5.12
CA ILE B 19 39.12 7.60 -5.91
C ILE B 19 39.32 8.92 -5.18
N ILE B 20 39.11 8.94 -3.86
CA ILE B 20 39.21 10.18 -3.07
C ILE B 20 40.53 10.89 -3.37
N GLU B 21 41.65 10.20 -3.15
CA GLU B 21 42.94 10.76 -3.52
C GLU B 21 43.20 10.67 -5.03
N GLY B 22 42.56 9.73 -5.72
CA GLY B 22 42.77 9.61 -7.15
C GLY B 22 42.24 10.79 -7.93
N THR B 23 41.05 11.27 -7.56
CA THR B 23 40.49 12.47 -8.15
C THR B 23 41.00 13.74 -7.49
N ARG B 24 42.00 13.63 -6.62
CA ARG B 24 42.59 14.76 -5.90
C ARG B 24 41.51 15.53 -5.11
N ASN B 25 40.70 14.76 -4.38
CA ASN B 25 39.57 15.31 -3.62
C ASN B 25 38.63 16.09 -4.54
N PHE B 26 38.32 15.51 -5.69
CA PHE B 26 37.48 16.13 -6.71
C PHE B 26 38.03 17.51 -7.09
N HIS B 27 39.32 17.55 -7.36
CA HIS B 27 39.98 18.81 -7.70
C HIS B 27 39.41 19.39 -8.99
N LYS B 28 39.25 20.71 -9.01
CA LYS B 28 38.72 21.38 -10.19
C LYS B 28 39.62 21.18 -11.40
N ASP B 29 40.91 20.96 -11.17
CA ASP B 29 41.84 20.75 -12.29
C ASP B 29 41.61 19.39 -12.94
N PHE B 30 41.26 18.38 -12.15
CA PHE B 30 41.08 17.02 -12.67
C PHE B 30 39.64 16.78 -13.12
N LEU B 31 39.12 17.69 -13.93
CA LEU B 31 37.74 17.62 -14.43
C LEU B 31 37.75 17.53 -15.95
N ILE B 32 36.98 16.59 -16.49
CA ILE B 32 36.89 16.43 -17.93
C ILE B 32 35.75 17.27 -18.52
N GLY B 33 34.68 17.48 -17.77
CA GLY B 33 33.56 18.28 -18.20
C GLY B 33 32.40 18.25 -17.23
N GLU B 34 31.54 19.26 -17.24
CA GLU B 34 30.33 19.28 -16.44
C GLU B 34 29.13 19.29 -17.37
N GLY B 35 28.30 18.25 -17.25
CA GLY B 35 27.10 18.13 -18.05
C GLY B 35 25.88 18.70 -17.37
N GLU B 36 24.73 18.06 -17.61
CA GLU B 36 23.48 18.57 -17.06
C GLU B 36 23.40 18.35 -15.55
N ILE B 37 23.62 17.12 -15.10
CA ILE B 37 23.41 16.79 -13.70
C ILE B 37 24.66 16.13 -13.11
N PHE B 38 25.74 16.08 -13.88
CA PHE B 38 27.00 15.52 -13.42
C PHE B 38 28.14 16.46 -13.74
N GLU B 39 29.34 16.07 -13.29
CA GLU B 39 30.58 16.76 -13.66
C GLU B 39 31.66 15.68 -13.73
N VAL B 40 32.02 15.29 -14.95
CA VAL B 40 32.85 14.10 -15.14
C VAL B 40 34.29 14.42 -14.78
N TYR B 41 34.94 13.47 -14.11
CA TYR B 41 36.33 13.58 -13.68
C TYR B 41 37.17 12.52 -14.38
N ARG B 42 38.48 12.65 -14.23
CA ARG B 42 39.44 11.69 -14.77
C ARG B 42 40.14 10.97 -13.62
N VAL B 43 40.09 9.65 -13.63
CA VAL B 43 40.70 8.83 -12.58
C VAL B 43 41.62 7.79 -13.22
N GLU B 44 42.65 7.39 -12.47
CA GLU B 44 43.60 6.39 -12.92
C GLU B 44 43.79 5.35 -11.82
N ILE B 45 43.93 4.09 -12.24
CA ILE B 45 44.13 3.00 -11.29
C ILE B 45 45.42 2.25 -11.59
N THR B 49 43.01 3.91 -16.69
CA THR B 49 42.37 5.21 -16.52
C THR B 49 40.85 5.10 -16.68
N TYR B 50 40.12 5.91 -15.92
CA TYR B 50 38.66 5.85 -15.90
C TYR B 50 38.09 7.25 -15.97
N ALA B 51 36.78 7.31 -16.20
CA ALA B 51 36.03 8.56 -16.17
C ALA B 51 34.84 8.39 -15.24
N VAL B 52 34.77 9.21 -14.21
CA VAL B 52 33.77 9.06 -13.15
C VAL B 52 32.77 10.21 -13.24
N LYS B 53 31.49 9.88 -13.05
CA LYS B 53 30.40 10.87 -13.10
C LYS B 53 29.88 11.05 -11.67
N LEU B 54 30.15 12.21 -11.10
CA LEU B 54 29.82 12.48 -9.70
C LEU B 54 28.46 13.18 -9.63
N PHE B 55 27.57 12.65 -8.79
CA PHE B 55 26.22 13.20 -8.68
C PHE B 55 26.28 14.63 -8.16
N LYS B 56 25.70 15.56 -8.92
CA LYS B 56 25.77 16.98 -8.63
C LYS B 56 24.58 17.35 -7.74
N GLN B 57 24.88 17.74 -6.50
CA GLN B 57 23.85 18.07 -5.52
C GLN B 57 23.92 19.54 -5.10
N GLN B 62 17.72 20.64 -6.38
CA GLN B 62 16.39 20.02 -6.39
C GLN B 62 16.50 18.53 -6.71
N CYS B 63 16.65 17.70 -5.67
CA CYS B 63 16.92 16.29 -5.91
C CYS B 63 15.74 15.58 -6.56
N LYS B 64 14.56 16.20 -6.54
CA LYS B 64 13.33 15.53 -7.00
C LYS B 64 13.51 14.92 -8.39
N LYS B 65 14.05 15.70 -9.32
CA LYS B 65 14.21 15.23 -10.70
C LYS B 65 15.63 14.78 -11.02
N HIS B 66 16.64 15.40 -10.41
CA HIS B 66 18.02 14.97 -10.64
C HIS B 66 18.24 13.54 -10.15
N TRP B 67 17.55 13.13 -9.08
CA TRP B 67 17.74 11.79 -8.56
C TRP B 67 17.11 10.74 -9.47
N LYS B 68 15.95 11.07 -10.07
CA LYS B 68 15.31 10.13 -10.98
C LYS B 68 16.22 9.80 -12.16
N ARG B 69 16.99 10.78 -12.63
CA ARG B 69 17.90 10.55 -13.75
C ARG B 69 19.05 9.63 -13.35
N PHE B 70 19.72 9.96 -12.23
CA PHE B 70 20.78 9.11 -11.72
C PHE B 70 20.33 7.66 -11.61
N LEU B 71 19.08 7.45 -11.21
CA LEU B 71 18.54 6.09 -11.19
C LEU B 71 18.50 5.50 -12.58
N SER B 72 17.76 6.15 -13.50
CA SER B 72 17.59 5.62 -14.86
C SER B 72 18.94 5.29 -15.49
N GLU B 73 19.96 6.11 -15.22
CA GLU B 73 21.30 5.82 -15.69
C GLU B 73 21.79 4.48 -15.16
N LEU B 74 21.77 4.30 -13.83
CA LEU B 74 22.28 3.07 -13.23
C LEU B 74 21.35 1.89 -13.50
N GLU B 75 20.06 2.15 -13.73
CA GLU B 75 19.12 1.08 -14.04
C GLU B 75 19.54 0.35 -15.33
N VAL B 76 19.63 1.10 -16.43
CA VAL B 76 19.84 0.48 -17.73
C VAL B 76 21.22 -0.16 -17.82
N LEU B 77 22.23 0.45 -17.21
CA LEU B 77 23.59 -0.05 -17.35
C LEU B 77 23.77 -1.39 -16.64
N LEU B 78 23.16 -1.56 -15.47
CA LEU B 78 23.27 -2.81 -14.73
C LEU B 78 22.43 -3.91 -15.35
N LEU B 79 21.26 -3.57 -15.90
CA LEU B 79 20.34 -4.58 -16.41
C LEU B 79 20.55 -4.93 -17.87
N PHE B 80 21.17 -4.06 -18.65
CA PHE B 80 21.29 -4.27 -20.09
C PHE B 80 22.73 -4.05 -20.52
N HIS B 81 23.26 -4.99 -21.29
CA HIS B 81 24.65 -4.96 -21.70
C HIS B 81 24.73 -5.21 -23.21
N HIS B 82 25.67 -4.54 -23.86
CA HIS B 82 25.85 -4.68 -25.29
C HIS B 82 27.23 -4.15 -25.63
N PRO B 83 27.93 -4.73 -26.61
CA PRO B 83 29.28 -4.22 -26.92
C PRO B 83 29.30 -2.80 -27.45
N ASN B 84 28.17 -2.29 -27.94
CA ASN B 84 28.07 -0.91 -28.41
C ASN B 84 27.45 0.01 -27.37
N ILE B 85 27.64 -0.29 -26.08
CA ILE B 85 27.16 0.54 -24.99
C ILE B 85 28.27 0.65 -23.95
N LEU B 86 28.61 1.88 -23.58
CA LEU B 86 29.66 2.09 -22.59
C LEU B 86 29.29 1.36 -21.31
N GLU B 87 30.07 0.34 -20.97
CA GLU B 87 29.74 -0.57 -19.89
C GLU B 87 30.03 0.09 -18.55
N LEU B 88 29.07 0.03 -17.63
CA LEU B 88 29.25 0.59 -16.30
C LEU B 88 30.23 -0.27 -15.53
N ALA B 89 31.31 0.35 -15.04
CA ALA B 89 32.32 -0.39 -14.30
C ALA B 89 31.85 -0.72 -12.89
N ALA B 90 31.54 0.31 -12.10
CA ALA B 90 31.07 0.12 -10.74
C ALA B 90 30.39 1.39 -10.27
N TYR B 91 29.65 1.28 -9.16
CA TYR B 91 28.98 2.41 -8.55
C TYR B 91 29.42 2.53 -7.09
N PHE B 92 29.40 3.77 -6.60
CA PHE B 92 29.80 4.08 -5.23
C PHE B 92 28.76 4.95 -4.55
N THR B 93 28.31 4.50 -3.37
CA THR B 93 27.35 5.22 -2.54
C THR B 93 27.96 5.29 -1.15
N GLU B 94 28.79 6.31 -0.91
CA GLU B 94 29.50 6.43 0.34
C GLU B 94 29.79 7.90 0.62
N THR B 95 29.94 8.22 1.90
CA THR B 95 30.28 9.58 2.36
C THR B 95 29.28 10.61 1.84
N GLU B 96 27.99 10.24 1.84
CA GLU B 96 26.92 11.10 1.36
C GLU B 96 27.19 11.58 -0.07
N LYS B 97 27.76 10.69 -0.88
CA LYS B 97 28.10 11.00 -2.26
C LYS B 97 27.80 9.80 -3.14
N PHE B 98 27.17 10.06 -4.28
CA PHE B 98 26.89 9.03 -5.27
C PHE B 98 27.69 9.33 -6.53
N CYS B 99 28.26 8.28 -7.14
CA CYS B 99 29.07 8.47 -8.33
C CYS B 99 29.11 7.17 -9.12
N LEU B 100 29.43 7.31 -10.41
CA LEU B 100 29.49 6.19 -11.34
C LEU B 100 30.82 6.24 -12.07
N ILE B 101 31.50 5.11 -12.16
CA ILE B 101 32.80 5.02 -12.80
C ILE B 101 32.66 4.28 -14.12
N TYR B 102 33.44 4.70 -15.12
CA TYR B 102 33.34 4.21 -16.48
C TYR B 102 34.74 4.00 -17.05
N PRO B 103 34.92 3.01 -17.91
CA PRO B 103 36.19 2.89 -18.64
C PRO B 103 36.36 4.05 -19.60
N TYR B 104 37.51 4.72 -19.51
CA TYR B 104 37.74 5.92 -20.31
C TYR B 104 37.93 5.55 -21.77
N MET B 105 37.37 6.36 -22.66
CA MET B 105 37.46 6.15 -24.10
C MET B 105 38.55 7.02 -24.68
N ARG B 106 39.47 6.39 -25.42
CA ARG B 106 40.63 7.13 -25.94
C ARG B 106 40.21 8.14 -27.00
N ASN B 107 39.38 7.73 -27.95
CA ASN B 107 38.96 8.64 -29.01
C ASN B 107 38.01 9.71 -28.53
N GLY B 108 37.39 9.53 -27.37
CA GLY B 108 36.50 10.54 -26.84
C GLY B 108 35.19 10.60 -27.60
N THR B 109 34.59 11.79 -27.59
CA THR B 109 33.25 11.97 -28.13
C THR B 109 33.26 11.93 -29.65
N LEU B 110 32.20 11.34 -30.22
CA LEU B 110 31.98 11.46 -31.66
C LEU B 110 32.01 12.92 -32.09
N PHE B 111 31.19 13.76 -31.44
CA PHE B 111 31.15 15.18 -31.76
C PHE B 111 32.53 15.82 -31.73
N ASP B 112 33.42 15.31 -30.88
CA ASP B 112 34.78 15.84 -30.82
C ASP B 112 35.66 15.38 -31.97
N ARG B 113 35.34 14.25 -32.61
CA ARG B 113 36.20 13.69 -33.64
C ARG B 113 35.79 14.06 -35.05
N LEU B 114 34.48 14.16 -35.32
CA LEU B 114 34.08 14.56 -36.68
C LEU B 114 34.04 16.08 -36.82
N GLN B 115 33.98 16.81 -35.72
CA GLN B 115 34.28 18.24 -35.72
C GLN B 115 35.77 18.51 -35.59
N CYS B 116 36.56 17.50 -35.26
CA CYS B 116 38.02 17.57 -35.24
C CYS B 116 38.52 18.62 -34.24
N VAL B 117 38.09 18.45 -32.99
CA VAL B 117 38.59 19.33 -31.94
C VAL B 117 40.04 18.96 -31.63
N GLY B 118 40.83 19.95 -31.23
CA GLY B 118 42.24 19.71 -30.99
C GLY B 118 43.02 19.38 -32.24
N ASP B 119 42.52 19.77 -33.42
CA ASP B 119 43.19 19.54 -34.70
C ASP B 119 43.52 18.06 -34.90
N THR B 120 42.58 17.18 -34.54
CA THR B 120 42.79 15.76 -34.69
C THR B 120 42.49 15.31 -36.12
N ALA B 121 42.84 14.06 -36.41
CA ALA B 121 42.63 13.52 -37.75
C ALA B 121 41.14 13.32 -38.00
N PRO B 122 40.65 13.70 -39.18
CA PRO B 122 39.23 13.48 -39.50
C PRO B 122 38.91 12.00 -39.59
N LEU B 123 37.62 11.70 -39.40
CA LEU B 123 37.17 10.32 -39.43
C LEU B 123 37.01 9.85 -40.88
N PRO B 124 37.66 8.76 -41.28
CA PRO B 124 37.45 8.23 -42.63
C PRO B 124 36.02 7.73 -42.81
N TRP B 125 35.60 7.62 -44.07
CA TRP B 125 34.23 7.24 -44.37
C TRP B 125 33.90 5.84 -43.86
N HIS B 126 34.89 4.94 -43.83
CA HIS B 126 34.59 3.58 -43.40
C HIS B 126 34.37 3.52 -41.89
N ILE B 127 35.07 4.34 -41.12
CA ILE B 127 34.82 4.40 -39.68
C ILE B 127 33.48 5.06 -39.41
N ARG B 128 33.13 6.09 -40.19
CA ARG B 128 31.83 6.75 -40.04
C ARG B 128 30.69 5.75 -40.17
N ILE B 129 30.58 5.09 -41.32
CA ILE B 129 29.57 4.06 -41.51
C ILE B 129 29.76 2.92 -40.52
N GLY B 130 30.96 2.74 -40.00
CA GLY B 130 31.21 1.73 -39.00
C GLY B 130 30.53 2.05 -37.69
N ILE B 131 30.83 3.22 -37.13
CA ILE B 131 30.21 3.63 -35.87
C ILE B 131 28.77 4.08 -36.06
N LEU B 132 28.35 4.33 -37.30
CA LEU B 132 26.93 4.59 -37.56
C LEU B 132 26.11 3.31 -37.51
N ILE B 133 26.74 2.17 -37.81
CA ILE B 133 26.07 0.88 -37.63
C ILE B 133 26.16 0.42 -36.19
N GLY B 134 27.31 0.66 -35.55
CA GLY B 134 27.47 0.23 -34.16
C GLY B 134 26.41 0.81 -33.24
N ILE B 135 26.21 2.13 -33.30
CA ILE B 135 25.16 2.77 -32.52
C ILE B 135 23.80 2.26 -32.96
N SER B 136 23.63 2.01 -34.27
CA SER B 136 22.36 1.50 -34.77
C SER B 136 22.05 0.13 -34.20
N LYS B 137 23.07 -0.70 -33.99
CA LYS B 137 22.84 -2.03 -33.46
C LYS B 137 22.39 -1.99 -32.01
N ALA B 138 22.94 -1.06 -31.22
CA ALA B 138 22.57 -0.97 -29.82
C ALA B 138 21.13 -0.50 -29.65
N ILE B 139 20.76 0.58 -30.33
CA ILE B 139 19.42 1.14 -30.18
C ILE B 139 18.35 0.13 -30.59
N HIS B 140 18.70 -0.80 -31.48
CA HIS B 140 17.77 -1.90 -31.78
C HIS B 140 17.70 -2.88 -30.62
N TYR B 141 18.85 -3.21 -30.03
CA TYR B 141 18.87 -4.05 -28.84
C TYR B 141 17.98 -3.49 -27.73
N LEU B 142 18.03 -2.17 -27.49
CA LEU B 142 17.26 -1.60 -26.40
C LEU B 142 15.77 -1.56 -26.74
N HIS B 143 15.43 -1.29 -28.00
CA HIS B 143 14.02 -1.27 -28.39
C HIS B 143 13.36 -2.64 -28.34
N ASN B 144 14.12 -3.72 -28.17
CA ASN B 144 13.53 -5.05 -28.15
C ASN B 144 14.04 -5.86 -26.97
N VAL B 145 14.11 -5.25 -25.80
CA VAL B 145 14.44 -5.99 -24.59
C VAL B 145 13.20 -6.69 -24.07
N GLN B 146 13.41 -7.85 -23.46
CA GLN B 146 12.31 -8.76 -23.15
C GLN B 146 11.27 -8.20 -22.20
N PRO B 147 11.64 -7.63 -21.01
CA PRO B 147 10.59 -7.24 -20.06
C PRO B 147 9.63 -6.23 -20.65
N CYS B 148 10.19 -5.09 -21.02
CA CYS B 148 9.45 -3.93 -21.53
C CYS B 148 10.44 -3.08 -22.31
N SER B 149 10.11 -2.76 -23.56
CA SER B 149 11.06 -2.05 -24.41
C SER B 149 11.44 -0.71 -23.80
N VAL B 150 12.71 -0.34 -23.95
CA VAL B 150 13.27 0.88 -23.37
C VAL B 150 13.62 1.86 -24.49
N ILE B 151 13.29 3.13 -24.27
CA ILE B 151 13.53 4.19 -25.24
C ILE B 151 14.72 5.02 -24.76
N CYS B 152 15.77 5.05 -25.58
CA CYS B 152 17.01 5.71 -25.17
C CYS B 152 16.79 7.20 -24.90
N GLY B 153 16.08 7.88 -25.80
CA GLY B 153 15.75 9.27 -25.59
C GLY B 153 16.87 10.23 -25.92
N SER B 154 17.90 10.27 -25.09
CA SER B 154 18.95 11.28 -25.19
C SER B 154 20.16 10.76 -25.98
N ILE B 155 19.93 10.44 -27.25
CA ILE B 155 20.99 10.00 -28.15
C ILE B 155 21.43 11.18 -29.00
N SER B 156 22.74 11.30 -29.20
CA SER B 156 23.32 12.42 -29.92
C SER B 156 24.78 12.09 -30.22
N SER B 157 25.36 12.87 -31.14
CA SER B 157 26.78 12.74 -31.41
C SER B 157 27.63 13.09 -30.20
N ALA B 158 27.05 13.75 -29.20
CA ALA B 158 27.77 14.06 -27.98
C ALA B 158 27.78 12.91 -26.99
N ASN B 159 26.79 12.01 -27.06
CA ASN B 159 26.72 10.88 -26.16
C ASN B 159 27.25 9.60 -26.79
N ILE B 160 27.93 9.69 -27.92
CA ILE B 160 28.54 8.56 -28.60
C ILE B 160 30.05 8.67 -28.44
N LEU B 161 30.63 7.76 -27.66
CA LEU B 161 32.07 7.73 -27.42
C LEU B 161 32.70 6.64 -28.26
N LEU B 162 33.97 6.83 -28.60
CA LEU B 162 34.72 5.89 -29.42
C LEU B 162 35.96 5.43 -28.65
N ASP B 163 36.23 4.12 -28.67
CA ASP B 163 37.36 3.57 -27.96
C ASP B 163 38.63 3.72 -28.80
N ASP B 164 39.70 3.05 -28.37
CA ASP B 164 40.95 3.12 -29.13
C ASP B 164 40.84 2.46 -30.49
N GLN B 165 39.94 1.48 -30.64
CA GLN B 165 39.67 0.84 -31.91
C GLN B 165 38.62 1.60 -32.72
N PHE B 166 38.21 2.79 -32.27
CA PHE B 166 37.18 3.60 -32.91
C PHE B 166 35.90 2.81 -33.15
N GLN B 167 35.39 2.21 -32.07
CA GLN B 167 34.13 1.50 -32.08
C GLN B 167 33.21 2.19 -31.09
N PRO B 168 31.94 2.46 -31.44
CA PRO B 168 31.15 3.42 -30.68
C PRO B 168 30.59 2.83 -29.38
N LYS B 169 30.15 3.75 -28.51
CA LYS B 169 29.61 3.42 -27.20
C LYS B 169 28.53 4.45 -26.86
N LEU B 170 27.35 4.00 -26.43
CA LEU B 170 26.34 4.95 -26.01
C LEU B 170 26.61 5.45 -24.59
N THR B 171 25.92 6.53 -24.24
CA THR B 171 26.04 7.15 -22.92
C THR B 171 24.69 7.79 -22.63
N ASP B 172 24.54 8.32 -21.40
CA ASP B 172 23.46 9.21 -21.04
C ASP B 172 22.09 8.56 -21.26
N PHE B 173 21.85 7.52 -20.46
CA PHE B 173 20.54 6.89 -20.37
C PHE B 173 19.68 7.52 -19.28
N ALA B 174 19.94 8.79 -18.94
CA ALA B 174 19.22 9.45 -17.86
C ALA B 174 17.75 9.66 -18.21
N MET B 175 17.47 10.09 -19.44
CA MET B 175 16.10 10.26 -19.90
C MET B 175 15.58 9.03 -20.64
N ALA B 176 16.11 7.85 -20.33
CA ALA B 176 15.61 6.62 -20.92
C ALA B 176 14.33 6.18 -20.21
N HIS B 177 13.35 5.74 -21.00
CA HIS B 177 12.07 5.33 -20.47
C HIS B 177 11.67 3.97 -21.02
N PHE B 178 10.99 3.19 -20.20
CA PHE B 178 10.45 1.90 -20.60
C PHE B 178 9.04 2.11 -21.14
N ARG B 179 8.67 1.34 -22.17
CA ARG B 179 7.45 1.63 -22.91
C ARG B 179 6.65 0.37 -23.19
N SER B 180 5.35 0.44 -22.89
CA SER B 180 4.32 -0.50 -23.37
C SER B 180 2.99 -0.15 -22.72
N ILE B 189 6.38 12.58 -21.44
CA ILE B 189 5.04 13.12 -21.29
C ILE B 189 5.05 14.31 -20.33
N ASN B 190 6.19 14.99 -20.24
CA ASN B 190 6.32 16.18 -19.40
C ASN B 190 7.54 16.95 -19.87
N MET B 191 7.35 18.19 -20.32
CA MET B 191 8.43 18.96 -20.91
C MET B 191 9.37 19.59 -19.89
N THR B 192 8.96 19.68 -18.63
CA THR B 192 9.88 20.15 -17.61
C THR B 192 10.98 19.12 -17.35
N SER B 193 10.68 17.85 -17.64
CA SER B 193 11.62 16.75 -17.47
C SER B 193 12.66 16.67 -18.58
N SER B 194 12.71 17.65 -19.47
CA SER B 194 13.55 17.56 -20.67
C SER B 194 15.02 17.77 -20.32
N SER B 195 15.88 17.33 -21.25
CA SER B 195 17.31 17.62 -21.21
C SER B 195 17.58 18.83 -22.09
N SER B 196 18.28 19.83 -21.54
CA SER B 196 18.47 21.08 -22.26
C SER B 196 19.33 20.89 -23.49
N LYS B 197 20.48 20.23 -23.32
CA LYS B 197 21.41 20.07 -24.43
C LYS B 197 20.82 19.22 -25.56
N HIS B 198 19.89 18.34 -25.23
CA HIS B 198 19.29 17.44 -26.21
C HIS B 198 18.09 18.05 -26.93
N LEU B 199 17.84 19.34 -26.73
CA LEU B 199 16.71 20.00 -27.40
C LEU B 199 16.76 19.82 -28.91
N TRP B 200 17.93 20.03 -29.51
CA TRP B 200 18.00 20.13 -30.97
C TRP B 200 17.76 18.81 -31.66
N TYR B 201 17.60 17.71 -30.91
CA TYR B 201 17.35 16.39 -31.46
C TYR B 201 15.91 15.93 -31.29
N MET B 202 15.07 16.71 -30.59
CA MET B 202 13.75 16.24 -30.23
C MET B 202 12.77 16.41 -31.39
N PRO B 203 11.86 15.46 -31.59
CA PRO B 203 10.86 15.58 -32.65
C PRO B 203 9.75 16.55 -32.24
N GLU B 204 8.82 16.78 -33.16
CA GLU B 204 7.77 17.76 -32.91
C GLU B 204 6.72 17.23 -31.94
N GLU B 205 6.30 15.97 -32.10
CA GLU B 205 5.31 15.41 -31.17
C GLU B 205 5.83 15.34 -29.75
N TYR B 206 7.16 15.39 -29.56
CA TYR B 206 7.73 15.46 -28.23
C TYR B 206 7.66 16.88 -27.67
N ILE B 207 7.86 17.88 -28.52
CA ILE B 207 7.88 19.26 -28.05
C ILE B 207 6.46 19.82 -27.96
N ARG B 208 5.76 19.90 -29.10
CA ARG B 208 4.46 20.53 -29.17
C ARG B 208 3.33 19.66 -28.63
N GLN B 209 3.57 18.38 -28.42
CA GLN B 209 2.54 17.48 -27.92
C GLN B 209 2.97 16.65 -26.73
N GLY B 210 4.25 16.68 -26.33
CA GLY B 210 4.72 15.91 -25.20
C GLY B 210 4.75 14.41 -25.41
N LYS B 211 4.29 13.92 -26.56
CA LYS B 211 4.22 12.48 -26.81
C LYS B 211 5.61 11.95 -27.10
N LEU B 212 6.19 11.25 -26.14
CA LEU B 212 7.46 10.54 -26.35
C LEU B 212 7.14 9.14 -26.86
N SER B 213 7.57 8.86 -28.08
CA SER B 213 7.21 7.63 -28.78
C SER B 213 8.42 6.70 -28.87
N ILE B 214 8.15 5.49 -29.36
CA ILE B 214 9.23 4.56 -29.69
C ILE B 214 10.07 5.12 -30.83
N LYS B 215 9.47 5.89 -31.72
CA LYS B 215 10.14 6.42 -32.90
C LYS B 215 10.82 7.76 -32.65
N THR B 216 11.08 8.12 -31.39
CA THR B 216 11.84 9.33 -31.13
C THR B 216 13.35 9.08 -31.20
N ASP B 217 13.78 7.82 -31.08
CA ASP B 217 15.20 7.51 -31.25
C ASP B 217 15.59 7.47 -32.72
N VAL B 218 14.74 6.90 -33.57
CA VAL B 218 15.03 6.86 -35.00
C VAL B 218 15.04 8.28 -35.58
N TYR B 219 14.22 9.18 -35.02
CA TYR B 219 14.26 10.58 -35.41
C TYR B 219 15.59 11.21 -35.04
N SER B 220 15.96 11.13 -33.75
CA SER B 220 17.23 11.66 -33.29
C SER B 220 18.41 10.98 -33.97
N PHE B 221 18.24 9.75 -34.44
CA PHE B 221 19.31 9.05 -35.15
C PHE B 221 19.44 9.53 -36.58
N GLY B 222 18.33 9.91 -37.22
CA GLY B 222 18.42 10.47 -38.55
C GLY B 222 19.20 11.76 -38.60
N ILE B 223 19.22 12.50 -37.48
CA ILE B 223 19.96 13.75 -37.42
C ILE B 223 21.46 13.49 -37.32
N VAL B 224 21.85 12.48 -36.53
CA VAL B 224 23.28 12.19 -36.40
C VAL B 224 23.81 11.53 -37.68
N ILE B 225 22.95 10.93 -38.49
CA ILE B 225 23.37 10.52 -39.82
C ILE B 225 23.74 11.73 -40.65
N MET B 226 22.96 12.80 -40.52
CA MET B 226 23.26 14.05 -41.23
C MET B 226 24.56 14.66 -40.73
N GLU B 227 24.88 14.47 -39.45
CA GLU B 227 26.07 15.08 -38.88
C GLU B 227 27.34 14.37 -39.34
N VAL B 228 27.27 13.06 -39.59
CA VAL B 228 28.43 12.35 -40.10
C VAL B 228 28.54 12.45 -41.62
N LEU B 229 27.44 12.69 -42.33
CA LEU B 229 27.53 13.00 -43.75
C LEU B 229 28.10 14.39 -43.98
N THR B 230 27.56 15.38 -43.28
CA THR B 230 28.01 16.76 -43.37
C THR B 230 28.63 17.13 -42.04
N GLY B 231 29.93 17.44 -42.04
CA GLY B 231 30.65 17.63 -40.79
C GLY B 231 30.26 18.89 -40.04
N CYS B 232 29.11 19.48 -40.38
CA CYS B 232 28.62 20.69 -39.73
C CYS B 232 28.05 20.37 -38.35
N ARG B 233 27.82 21.42 -37.57
CA ARG B 233 27.26 21.28 -36.24
C ARG B 233 25.77 21.00 -36.30
N VAL B 234 25.19 20.74 -35.12
CA VAL B 234 23.76 20.45 -35.03
C VAL B 234 22.95 21.68 -35.43
N VAL B 235 23.29 22.83 -34.86
CA VAL B 235 22.74 24.11 -35.26
C VAL B 235 23.83 24.90 -35.97
N LEU B 236 23.53 25.37 -37.18
CA LEU B 236 24.54 25.99 -38.02
C LEU B 236 24.93 27.37 -37.49
N ASP B 237 26.21 27.71 -37.66
CA ASP B 237 26.78 28.94 -37.13
C ASP B 237 26.46 30.17 -37.97
N ASP B 238 25.54 30.06 -38.93
CA ASP B 238 25.21 31.21 -39.75
C ASP B 238 24.57 32.30 -38.87
N PRO B 239 24.54 33.55 -39.34
CA PRO B 239 23.94 34.61 -38.53
C PRO B 239 22.50 34.34 -38.11
N LYS B 240 21.70 33.70 -38.96
CA LYS B 240 20.32 33.41 -38.61
C LYS B 240 20.19 32.27 -37.60
N HIS B 241 21.24 31.46 -37.42
CA HIS B 241 21.25 30.34 -36.48
C HIS B 241 20.13 29.34 -36.79
N ILE B 242 20.25 28.72 -37.96
CA ILE B 242 19.27 27.75 -38.43
C ILE B 242 19.81 26.34 -38.18
N GLN B 243 18.90 25.36 -38.18
CA GLN B 243 19.23 23.98 -37.84
C GLN B 243 19.72 23.22 -39.06
N LEU B 244 20.70 22.34 -38.83
CA LEU B 244 21.21 21.51 -39.92
C LEU B 244 20.14 20.59 -40.48
N ARG B 245 19.21 20.13 -39.63
CA ARG B 245 18.07 19.36 -40.12
C ARG B 245 17.28 20.15 -41.15
N ASP B 246 16.90 21.38 -40.81
CA ASP B 246 16.03 22.17 -41.67
C ASP B 246 16.71 22.52 -42.99
N LEU B 247 18.02 22.80 -42.94
CA LEU B 247 18.78 23.07 -44.16
C LEU B 247 18.65 21.91 -45.15
N LEU B 248 19.11 20.72 -44.73
CA LEU B 248 18.97 19.53 -45.56
C LEU B 248 17.52 19.14 -45.77
N ARG B 249 16.61 19.60 -44.92
CA ARG B 249 15.19 19.31 -45.11
C ARG B 249 14.64 20.02 -46.34
N GLU B 250 15.19 21.18 -46.68
CA GLU B 250 14.70 21.96 -47.81
C GLU B 250 15.45 21.69 -49.10
N LEU B 251 16.70 21.23 -49.02
CA LEU B 251 17.48 20.96 -50.23
C LEU B 251 16.81 19.90 -51.09
N MET B 252 16.71 18.68 -50.56
CA MET B 252 16.11 17.59 -51.33
C MET B 252 14.59 17.71 -51.43
N GLU B 253 13.97 18.63 -50.70
CA GLU B 253 12.54 18.85 -50.85
C GLU B 253 12.23 19.73 -52.04
N LYS B 254 13.04 20.76 -52.28
CA LYS B 254 12.81 21.70 -53.38
C LYS B 254 13.93 21.67 -54.41
N ARG B 255 15.18 21.85 -53.99
CA ARG B 255 16.27 22.02 -54.96
C ARG B 255 16.64 20.70 -55.62
N GLY B 256 17.10 19.73 -54.83
CA GLY B 256 17.49 18.46 -55.39
C GLY B 256 18.16 17.51 -54.40
N LEU B 257 18.09 16.21 -54.69
CA LEU B 257 18.73 15.23 -53.83
C LEU B 257 20.25 15.32 -53.91
N ASP B 258 20.79 15.67 -55.08
CA ASP B 258 22.23 15.85 -55.22
C ASP B 258 22.70 17.19 -54.67
N SER B 259 21.79 18.14 -54.45
CA SER B 259 22.18 19.39 -53.80
C SER B 259 22.58 19.15 -52.36
N CYS B 260 22.06 18.09 -51.74
CA CYS B 260 22.51 17.70 -50.40
C CYS B 260 23.99 17.35 -50.41
N LEU B 261 24.45 16.72 -51.49
CA LEU B 261 25.83 16.30 -51.60
C LEU B 261 26.79 17.49 -51.60
N SER B 262 26.29 18.70 -51.81
CA SER B 262 27.14 19.89 -51.77
C SER B 262 27.72 20.13 -50.39
N PHE B 263 27.08 19.61 -49.34
CA PHE B 263 27.52 19.81 -47.96
C PHE B 263 28.31 18.64 -47.39
N LEU B 264 28.61 17.63 -48.22
CA LEU B 264 29.42 16.51 -47.75
C LEU B 264 30.71 17.00 -47.13
N ASP B 265 31.14 16.34 -46.06
CA ASP B 265 32.33 16.74 -45.32
C ASP B 265 33.55 16.70 -46.23
N LYS B 266 34.15 17.86 -46.50
CA LYS B 266 35.29 17.95 -47.41
C LYS B 266 36.62 17.72 -46.71
N LYS B 267 36.62 17.57 -45.38
CA LYS B 267 37.86 17.28 -44.67
C LYS B 267 38.38 15.88 -44.96
N VAL B 268 37.59 15.04 -45.62
CA VAL B 268 37.99 13.67 -45.96
C VAL B 268 37.80 13.47 -47.46
N PRO B 269 38.55 12.58 -48.09
CA PRO B 269 38.38 12.34 -49.53
C PRO B 269 36.96 11.92 -49.86
N PRO B 270 36.54 12.06 -51.12
CA PRO B 270 35.14 11.76 -51.48
C PRO B 270 34.77 10.29 -51.29
N CYS B 271 33.49 9.99 -51.50
CA CYS B 271 32.94 8.65 -51.37
C CYS B 271 31.97 8.44 -52.52
N PRO B 272 31.69 7.18 -52.88
CA PRO B 272 30.79 6.92 -54.01
C PRO B 272 29.44 7.60 -53.84
N ARG B 273 28.92 8.12 -54.96
CA ARG B 273 27.68 8.90 -54.91
C ARG B 273 26.49 8.04 -54.50
N ASN B 274 26.55 6.72 -54.66
CA ASN B 274 25.47 5.86 -54.23
C ASN B 274 25.52 5.60 -52.73
N PHE B 275 26.72 5.53 -52.16
CA PHE B 275 26.86 5.48 -50.70
C PHE B 275 26.35 6.75 -50.06
N SER B 276 26.66 7.91 -50.64
CA SER B 276 26.22 9.17 -50.07
C SER B 276 24.71 9.36 -50.27
N ALA B 277 24.18 8.95 -51.42
CA ALA B 277 22.75 9.12 -51.68
C ALA B 277 21.91 8.26 -50.76
N LYS B 278 22.32 7.01 -50.54
CA LYS B 278 21.53 6.10 -49.72
C LYS B 278 21.43 6.58 -48.28
N LEU B 279 22.44 7.30 -47.80
CA LEU B 279 22.40 7.79 -46.42
C LEU B 279 21.54 9.03 -46.28
N PHE B 280 21.61 9.95 -47.25
CA PHE B 280 20.65 11.06 -47.25
C PHE B 280 19.24 10.56 -47.50
N CYS B 281 19.07 9.54 -48.34
CA CYS B 281 17.75 8.94 -48.53
C CYS B 281 17.22 8.38 -47.22
N LEU B 282 18.10 7.75 -46.42
CA LEU B 282 17.68 7.15 -45.16
C LEU B 282 17.49 8.20 -44.07
N ALA B 283 18.44 9.13 -43.94
CA ALA B 283 18.37 10.11 -42.87
C ALA B 283 17.11 10.98 -42.99
N GLY B 284 16.69 11.28 -44.22
CA GLY B 284 15.48 12.06 -44.40
C GLY B 284 14.24 11.31 -43.96
N ARG B 285 14.20 10.01 -44.21
CA ARG B 285 13.06 9.21 -43.76
C ARG B 285 13.07 9.02 -42.24
N CYS B 286 14.26 8.97 -41.64
CA CYS B 286 14.35 8.84 -40.18
C CYS B 286 13.96 10.13 -39.48
N ALA B 287 14.45 11.27 -39.97
CA ALA B 287 14.19 12.56 -39.34
C ALA B 287 12.97 13.20 -39.98
N ALA B 288 11.82 12.55 -39.78
CA ALA B 288 10.56 13.01 -40.32
C ALA B 288 9.72 13.64 -39.22
N THR B 289 8.96 14.68 -39.57
CA THR B 289 8.05 15.29 -38.61
C THR B 289 6.91 14.34 -38.25
N ARG B 290 6.19 13.86 -39.26
CA ARG B 290 5.10 12.93 -39.02
C ARG B 290 5.66 11.58 -38.56
N ALA B 291 5.09 11.05 -37.48
CA ALA B 291 5.67 9.88 -36.83
C ALA B 291 5.36 8.59 -37.59
N LYS B 292 4.22 8.51 -38.26
CA LYS B 292 3.84 7.26 -38.93
C LYS B 292 4.79 6.92 -40.07
N LEU B 293 5.26 7.93 -40.79
CA LEU B 293 6.14 7.73 -41.94
C LEU B 293 7.60 7.53 -41.55
N ARG B 294 7.88 7.23 -40.28
CA ARG B 294 9.24 7.15 -39.78
C ARG B 294 9.60 5.69 -39.55
N PRO B 295 10.75 5.23 -40.05
CA PRO B 295 11.04 3.79 -40.04
C PRO B 295 11.50 3.30 -38.68
N SER B 296 11.65 1.98 -38.59
CA SER B 296 12.10 1.29 -37.38
C SER B 296 13.58 0.95 -37.49
N MET B 297 14.21 0.75 -36.33
CA MET B 297 15.66 0.57 -36.29
C MET B 297 16.12 -0.67 -37.03
N ASP B 298 15.31 -1.73 -37.08
CA ASP B 298 15.74 -2.94 -37.77
C ASP B 298 15.95 -2.68 -39.25
N GLU B 299 14.97 -2.07 -39.92
CA GLU B 299 15.14 -1.73 -41.33
C GLU B 299 16.06 -0.54 -41.52
N VAL B 300 16.24 0.30 -40.50
CA VAL B 300 17.32 1.28 -40.54
C VAL B 300 18.66 0.57 -40.52
N LEU B 301 18.76 -0.53 -39.77
CA LEU B 301 20.02 -1.27 -39.73
C LEU B 301 20.20 -2.17 -40.95
N ASN B 302 19.09 -2.63 -41.55
CA ASN B 302 19.20 -3.40 -42.78
C ASN B 302 19.76 -2.55 -43.92
N THR B 303 19.16 -1.37 -44.14
CA THR B 303 19.64 -0.48 -45.19
C THR B 303 21.01 0.11 -44.86
N LEU B 304 21.41 0.11 -43.59
CA LEU B 304 22.65 0.74 -43.20
C LEU B 304 23.86 -0.19 -43.35
N GLU B 305 23.65 -1.50 -43.22
CA GLU B 305 24.73 -2.45 -43.47
C GLU B 305 24.92 -2.71 -44.97
N SER B 306 23.84 -2.67 -45.75
CA SER B 306 23.97 -2.82 -47.19
C SER B 306 24.66 -1.61 -47.81
N THR B 307 24.51 -0.43 -47.21
CA THR B 307 25.20 0.75 -47.71
C THR B 307 26.70 0.64 -47.51
N GLN B 308 27.14 -0.15 -46.54
CA GLN B 308 28.58 -0.30 -46.30
C GLN B 308 29.28 -1.01 -47.44
N ALA B 309 28.54 -1.85 -48.18
CA ALA B 309 29.11 -2.50 -49.35
C ALA B 309 29.26 -1.51 -50.51
N SER B 310 28.31 -0.59 -50.65
CA SER B 310 28.39 0.39 -51.73
C SER B 310 29.63 1.28 -51.60
N LEU B 311 30.13 1.47 -50.38
CA LEU B 311 31.34 2.26 -50.18
C LEU B 311 32.56 1.58 -50.81
N TYR B 312 32.75 0.30 -50.52
CA TYR B 312 33.97 -0.39 -50.93
C TYR B 312 33.95 -0.83 -52.39
N PHE B 313 32.78 -1.01 -52.99
CA PHE B 313 32.69 -1.46 -54.37
C PHE B 313 32.94 -0.30 -55.34
N VAL C 40 -55.93 15.38 22.02
CA VAL C 40 -55.27 14.66 23.10
C VAL C 40 -55.43 15.39 24.43
N TYR C 41 -55.47 14.63 25.52
CA TYR C 41 -55.64 15.19 26.85
C TYR C 41 -54.88 14.32 27.85
N ARG C 42 -55.15 14.53 29.13
CA ARG C 42 -54.52 13.78 30.22
C ARG C 42 -55.61 13.35 31.18
N VAL C 43 -55.94 12.06 31.16
CA VAL C 43 -56.97 11.50 32.02
C VAL C 43 -56.35 11.02 33.33
N GLU C 44 -57.13 10.30 34.13
CA GLU C 44 -56.67 9.79 35.41
C GLU C 44 -57.37 8.49 35.80
N LEU C 48 -53.89 6.01 39.19
CA LEU C 48 -53.43 5.56 37.87
C LEU C 48 -53.72 6.61 36.80
N THR C 49 -52.67 7.31 36.36
CA THR C 49 -52.80 8.35 35.36
C THR C 49 -52.65 7.76 33.96
N TYR C 50 -53.56 8.12 33.06
CA TYR C 50 -53.57 7.66 31.69
C TYR C 50 -53.36 8.84 30.74
N ALA C 51 -53.20 8.51 29.46
CA ALA C 51 -52.98 9.50 28.42
C ALA C 51 -53.83 9.14 27.21
N VAL C 52 -54.67 10.07 26.77
CA VAL C 52 -55.54 9.86 25.62
C VAL C 52 -54.98 10.64 24.44
N LYS C 53 -55.39 10.23 23.24
CA LYS C 53 -54.90 10.87 22.02
C LYS C 53 -55.92 10.63 20.91
N LEU C 54 -56.56 11.70 20.45
CA LEU C 54 -57.53 11.60 19.37
C LEU C 54 -56.84 11.71 18.02
N PHE C 55 -57.63 11.70 16.95
CA PHE C 55 -57.10 11.78 15.60
C PHE C 55 -58.16 12.24 14.61
N CYS C 63 -49.32 8.99 6.57
CA CYS C 63 -50.62 8.31 6.56
C CYS C 63 -50.65 7.13 5.60
N LYS C 64 -50.13 7.36 4.38
CA LYS C 64 -50.40 6.51 3.22
C LYS C 64 -50.39 5.01 3.54
N LYS C 65 -49.26 4.50 4.03
CA LYS C 65 -49.14 3.08 4.35
C LYS C 65 -48.72 2.80 5.79
N HIS C 66 -48.13 3.77 6.49
CA HIS C 66 -47.78 3.53 7.89
C HIS C 66 -49.00 3.45 8.79
N TRP C 67 -50.09 4.14 8.45
CA TRP C 67 -51.32 3.96 9.23
C TRP C 67 -51.83 2.53 9.10
N LYS C 68 -51.93 2.03 7.86
CA LYS C 68 -52.50 0.71 7.63
C LYS C 68 -51.76 -0.37 8.40
N ARG C 69 -50.44 -0.24 8.53
CA ARG C 69 -49.67 -1.18 9.32
C ARG C 69 -49.65 -0.80 10.80
N PHE C 70 -49.92 0.47 11.13
CA PHE C 70 -49.89 0.91 12.52
C PHE C 70 -50.96 0.21 13.35
N LEU C 71 -52.20 0.21 12.88
CA LEU C 71 -53.26 -0.38 13.70
C LEU C 71 -53.05 -1.88 13.88
N SER C 72 -52.50 -2.56 12.88
CA SER C 72 -52.12 -3.96 13.06
C SER C 72 -51.07 -4.10 14.17
N GLU C 73 -50.07 -3.21 14.17
CA GLU C 73 -49.16 -3.13 15.31
C GLU C 73 -49.92 -2.91 16.61
N LEU C 74 -50.97 -2.09 16.55
CA LEU C 74 -51.77 -1.76 17.72
C LEU C 74 -52.77 -2.85 18.08
N GLU C 75 -53.25 -3.60 17.09
CA GLU C 75 -54.26 -4.63 17.34
C GLU C 75 -53.74 -5.68 18.32
N VAL C 76 -52.52 -6.18 18.08
CA VAL C 76 -52.05 -7.37 18.77
C VAL C 76 -51.98 -7.17 20.29
N LEU C 77 -51.65 -5.95 20.74
CA LEU C 77 -51.49 -5.75 22.18
C LEU C 77 -52.81 -5.92 22.92
N LEU C 78 -53.91 -5.47 22.34
CA LEU C 78 -55.20 -5.57 23.01
C LEU C 78 -55.58 -7.01 23.34
N LEU C 79 -54.98 -7.98 22.65
CA LEU C 79 -55.25 -9.38 22.93
C LEU C 79 -54.67 -9.79 24.28
N PHE C 80 -53.38 -9.50 24.50
CA PHE C 80 -52.66 -10.06 25.62
C PHE C 80 -52.86 -9.23 26.88
N HIS C 81 -52.75 -9.89 28.03
CA HIS C 81 -52.91 -9.24 29.33
C HIS C 81 -51.86 -9.82 30.29
N HIS C 82 -50.79 -9.07 30.53
CA HIS C 82 -49.69 -9.49 31.38
C HIS C 82 -49.16 -8.22 32.05
N PRO C 83 -48.75 -8.29 33.32
CA PRO C 83 -48.18 -7.10 33.97
C PRO C 83 -47.00 -6.49 33.24
N ASN C 84 -46.28 -7.27 32.42
CA ASN C 84 -45.14 -6.77 31.70
C ASN C 84 -45.45 -6.47 30.24
N ILE C 85 -46.69 -6.67 29.80
CA ILE C 85 -47.17 -6.22 28.50
C ILE C 85 -47.96 -4.95 28.70
N LEU C 86 -47.70 -3.94 27.88
CA LEU C 86 -48.43 -2.69 28.00
C LEU C 86 -49.92 -2.93 27.80
N GLU C 87 -50.73 -2.30 28.65
CA GLU C 87 -52.18 -2.42 28.56
C GLU C 87 -52.73 -1.30 27.70
N LEU C 88 -53.41 -1.66 26.60
CA LEU C 88 -53.96 -0.71 25.67
C LEU C 88 -55.47 -0.86 25.54
N ALA C 89 -56.09 0.19 25.01
CA ALA C 89 -57.48 0.16 24.59
C ALA C 89 -57.61 1.13 23.43
N ALA C 90 -58.10 0.64 22.28
CA ALA C 90 -58.14 1.41 21.04
C ALA C 90 -59.55 1.40 20.46
N TYR C 91 -60.54 1.67 21.31
CA TYR C 91 -61.93 1.66 20.86
C TYR C 91 -62.19 2.85 19.94
N PHE C 92 -62.63 2.57 18.72
CA PHE C 92 -63.15 3.62 17.84
C PHE C 92 -64.42 4.22 18.43
N THR C 93 -64.47 5.55 18.48
CA THR C 93 -65.66 6.23 18.94
C THR C 93 -66.82 6.00 17.98
N GLU C 94 -68.03 6.08 18.51
CA GLU C 94 -69.22 5.94 17.67
C GLU C 94 -69.30 7.05 16.63
N THR C 95 -68.76 8.22 16.95
CA THR C 95 -68.78 9.38 16.06
C THR C 95 -67.66 9.35 15.02
N GLU C 96 -67.07 8.18 14.77
CA GLU C 96 -66.01 7.93 13.80
C GLU C 96 -64.67 8.53 14.21
N LYS C 97 -64.60 9.23 15.35
CA LYS C 97 -63.30 9.63 15.87
C LYS C 97 -62.57 8.41 16.43
N PHE C 98 -61.24 8.51 16.49
CA PHE C 98 -60.41 7.43 17.01
C PHE C 98 -59.60 7.93 18.19
N CYS C 99 -59.73 7.25 19.33
CA CYS C 99 -59.02 7.57 20.55
C CYS C 99 -58.17 6.37 20.98
N LEU C 100 -57.19 6.65 21.84
CA LEU C 100 -56.27 5.63 22.31
C LEU C 100 -55.80 5.99 23.71
N ILE C 101 -56.10 5.13 24.68
CA ILE C 101 -55.65 5.32 26.04
C ILE C 101 -54.48 4.39 26.31
N TYR C 102 -53.52 4.85 27.11
CA TYR C 102 -52.38 4.03 27.48
C TYR C 102 -51.78 4.59 28.76
N PRO C 103 -51.33 3.75 29.68
CA PRO C 103 -50.74 4.26 30.92
C PRO C 103 -49.48 5.06 30.62
N TYR C 104 -49.43 6.29 31.12
CA TYR C 104 -48.28 7.14 30.88
C TYR C 104 -47.09 6.61 31.68
N MET C 105 -46.10 6.07 30.99
CA MET C 105 -44.92 5.50 31.63
C MET C 105 -43.91 6.61 31.86
N ARG C 106 -43.75 7.01 33.13
CA ARG C 106 -42.97 8.20 33.45
C ARG C 106 -41.48 8.03 33.17
N ASN C 107 -40.98 6.81 33.15
CA ASN C 107 -39.55 6.55 33.01
C ASN C 107 -39.11 6.30 31.58
N GLY C 108 -39.95 6.58 30.60
CA GLY C 108 -39.56 6.44 29.22
C GLY C 108 -39.22 5.00 28.83
N THR C 109 -38.50 4.89 27.71
CA THR C 109 -38.09 3.60 27.19
C THR C 109 -36.81 3.12 27.89
N LEU C 110 -36.60 1.80 27.85
CA LEU C 110 -35.37 1.23 28.38
C LEU C 110 -34.15 1.85 27.71
N PHE C 111 -34.19 2.00 26.38
CA PHE C 111 -33.08 2.61 25.67
C PHE C 111 -32.78 4.01 26.17
N ASP C 112 -33.83 4.79 26.46
CA ASP C 112 -33.63 6.15 26.93
C ASP C 112 -32.94 6.17 28.29
N ARG C 113 -33.24 5.20 29.14
CA ARG C 113 -32.62 5.17 30.47
C ARG C 113 -31.23 4.57 30.43
N LEU C 114 -30.99 3.60 29.55
CA LEU C 114 -29.64 3.07 29.40
C LEU C 114 -28.69 4.13 28.86
N GLN C 115 -29.19 4.96 27.94
CA GLN C 115 -28.40 6.03 27.36
C GLN C 115 -28.51 7.33 28.13
N CYS C 116 -29.24 7.33 29.25
CA CYS C 116 -29.31 8.48 30.15
C CYS C 116 -29.66 9.77 29.41
N VAL C 117 -30.63 9.68 28.49
CA VAL C 117 -31.05 10.87 27.78
C VAL C 117 -31.68 11.84 28.78
N GLY C 118 -31.48 13.14 28.52
CA GLY C 118 -31.91 14.13 29.48
C GLY C 118 -31.14 14.12 30.78
N ASP C 119 -29.97 13.47 30.80
CA ASP C 119 -29.08 13.45 31.96
C ASP C 119 -29.74 12.81 33.17
N THR C 120 -30.56 11.78 32.94
CA THR C 120 -31.19 11.08 34.04
C THR C 120 -30.18 10.22 34.80
N ALA C 121 -30.59 9.75 35.97
CA ALA C 121 -29.74 8.86 36.74
C ALA C 121 -29.65 7.50 36.06
N PRO C 122 -28.46 6.93 35.90
CA PRO C 122 -28.34 5.62 35.27
C PRO C 122 -28.96 4.53 36.13
N LEU C 123 -29.43 3.50 35.47
CA LEU C 123 -30.15 2.43 36.16
C LEU C 123 -29.18 1.62 37.02
N PRO C 124 -29.40 1.49 38.32
CA PRO C 124 -28.58 0.59 39.12
C PRO C 124 -28.86 -0.85 38.77
N TRP C 125 -27.96 -1.74 39.23
CA TRP C 125 -27.95 -3.11 38.73
C TRP C 125 -29.20 -3.87 39.15
N HIS C 126 -29.68 -3.67 40.39
CA HIS C 126 -30.84 -4.44 40.83
C HIS C 126 -32.06 -4.11 39.98
N ILE C 127 -32.21 -2.85 39.56
CA ILE C 127 -33.29 -2.50 38.65
C ILE C 127 -33.06 -3.16 37.29
N ARG C 128 -31.81 -3.18 36.82
CA ARG C 128 -31.53 -3.73 35.51
C ARG C 128 -31.88 -5.21 35.44
N ILE C 129 -31.51 -5.99 36.48
CA ILE C 129 -31.87 -7.39 36.49
C ILE C 129 -33.38 -7.55 36.62
N GLY C 130 -34.04 -6.61 37.29
CA GLY C 130 -35.49 -6.66 37.36
C GLY C 130 -36.14 -6.48 35.99
N ILE C 131 -35.62 -5.55 35.20
CA ILE C 131 -36.16 -5.32 33.85
C ILE C 131 -35.96 -6.55 32.99
N LEU C 132 -34.81 -7.22 33.12
CA LEU C 132 -34.55 -8.42 32.34
C LEU C 132 -35.47 -9.56 32.76
N ILE C 133 -35.74 -9.70 34.06
CA ILE C 133 -36.74 -10.66 34.51
C ILE C 133 -38.08 -10.38 33.86
N GLY C 134 -38.52 -9.11 33.93
CA GLY C 134 -39.84 -8.71 33.48
C GLY C 134 -40.18 -9.09 32.06
N ILE C 135 -39.41 -8.57 31.09
CA ILE C 135 -39.70 -8.90 29.70
C ILE C 135 -39.46 -10.38 29.43
N SER C 136 -38.58 -11.02 30.19
CA SER C 136 -38.41 -12.46 30.07
C SER C 136 -39.70 -13.18 30.45
N LYS C 137 -40.31 -12.79 31.57
CA LYS C 137 -41.62 -13.35 31.92
C LYS C 137 -42.66 -13.02 30.86
N ALA C 138 -42.55 -11.86 30.23
CA ALA C 138 -43.53 -11.46 29.24
C ALA C 138 -43.44 -12.34 27.99
N ILE C 139 -42.27 -12.40 27.36
CA ILE C 139 -42.16 -13.20 26.15
C ILE C 139 -42.11 -14.69 26.44
N HIS C 140 -42.06 -15.08 27.71
CA HIS C 140 -42.38 -16.46 28.07
C HIS C 140 -43.88 -16.68 28.08
N TYR C 141 -44.64 -15.72 28.64
CA TYR C 141 -46.09 -15.74 28.57
C TYR C 141 -46.58 -15.88 27.13
N LEU C 142 -45.90 -15.21 26.19
CA LEU C 142 -46.33 -15.27 24.81
C LEU C 142 -46.03 -16.62 24.18
N HIS C 143 -44.85 -17.17 24.45
CA HIS C 143 -44.47 -18.44 23.85
C HIS C 143 -45.25 -19.62 24.39
N ASN C 144 -46.00 -19.44 25.47
CA ASN C 144 -46.83 -20.51 26.04
C ASN C 144 -48.25 -19.97 26.22
N VAL C 145 -49.03 -20.05 25.15
CA VAL C 145 -50.46 -19.79 25.19
C VAL C 145 -51.18 -21.02 24.64
N GLN C 146 -52.47 -21.11 24.94
CA GLN C 146 -53.21 -22.35 24.69
C GLN C 146 -53.24 -22.74 23.22
N PRO C 147 -53.78 -21.90 22.29
CA PRO C 147 -53.95 -22.38 20.91
C PRO C 147 -52.65 -22.69 20.17
N CYS C 148 -51.78 -21.69 20.03
CA CYS C 148 -50.48 -21.84 19.39
C CYS C 148 -49.57 -20.72 19.89
N SER C 149 -48.30 -21.05 20.08
CA SER C 149 -47.34 -20.08 20.60
C SER C 149 -47.26 -18.85 19.72
N VAL C 150 -47.25 -17.68 20.36
CA VAL C 150 -47.15 -16.39 19.69
C VAL C 150 -45.74 -15.85 19.89
N ILE C 151 -45.12 -15.42 18.80
CA ILE C 151 -43.80 -14.79 18.84
C ILE C 151 -43.93 -13.35 18.35
N CYS C 152 -43.24 -12.45 19.03
CA CYS C 152 -43.24 -11.03 18.69
C CYS C 152 -41.81 -10.63 18.35
N GLY C 153 -41.49 -10.60 17.05
CA GLY C 153 -40.15 -10.23 16.64
C GLY C 153 -39.82 -8.80 17.00
N SER C 154 -40.81 -7.91 17.00
CA SER C 154 -40.57 -6.52 17.31
C SER C 154 -40.33 -6.35 18.81
N ILE C 155 -39.19 -6.84 19.28
CA ILE C 155 -38.78 -6.73 20.68
C ILE C 155 -37.45 -6.00 20.72
N SER C 156 -37.41 -4.87 21.41
CA SER C 156 -36.25 -3.99 21.39
C SER C 156 -36.15 -3.21 22.68
N SER C 157 -34.97 -2.66 22.94
CA SER C 157 -34.81 -1.78 24.10
C SER C 157 -35.57 -0.48 23.95
N ALA C 158 -36.06 -0.18 22.74
CA ALA C 158 -36.93 0.96 22.54
C ALA C 158 -38.41 0.61 22.65
N ASN C 159 -38.76 -0.67 22.48
CA ASN C 159 -40.13 -1.14 22.66
C ASN C 159 -40.39 -1.65 24.07
N ILE C 160 -39.62 -1.20 25.05
CA ILE C 160 -39.78 -1.60 26.44
C ILE C 160 -39.93 -0.33 27.27
N LEU C 161 -41.11 -0.13 27.84
CA LEU C 161 -41.38 1.03 28.66
C LEU C 161 -41.19 0.70 30.14
N LEU C 162 -41.06 1.75 30.95
CA LEU C 162 -40.75 1.61 32.36
C LEU C 162 -41.69 2.49 33.17
N ASP C 163 -42.39 1.88 34.14
CA ASP C 163 -43.39 2.58 34.94
C ASP C 163 -42.74 3.30 36.11
N ASP C 164 -43.54 3.75 37.07
CA ASP C 164 -43.02 4.47 38.23
C ASP C 164 -42.05 3.60 39.01
N GLN C 165 -42.36 2.31 39.16
CA GLN C 165 -41.51 1.38 39.88
C GLN C 165 -40.50 0.67 38.98
N PHE C 166 -40.21 1.24 37.81
CA PHE C 166 -39.25 0.67 36.86
C PHE C 166 -39.56 -0.80 36.57
N GLN C 167 -40.80 -1.06 36.19
CA GLN C 167 -41.20 -2.36 35.69
C GLN C 167 -41.39 -2.31 34.18
N PRO C 168 -40.88 -3.30 33.46
CA PRO C 168 -40.85 -3.22 31.99
C PRO C 168 -42.22 -3.47 31.36
N LYS C 169 -42.43 -2.83 30.22
CA LYS C 169 -43.70 -2.91 29.48
C LYS C 169 -43.37 -3.07 28.00
N LEU C 170 -43.68 -4.25 27.44
CA LEU C 170 -43.45 -4.46 26.01
C LEU C 170 -44.49 -3.73 25.17
N THR C 171 -44.06 -3.27 24.00
CA THR C 171 -44.91 -2.59 23.02
C THR C 171 -44.44 -3.00 21.62
N ASP C 172 -45.10 -2.43 20.59
CA ASP C 172 -44.67 -2.59 19.21
C ASP C 172 -44.19 -1.29 18.59
N PHE C 173 -45.05 -0.26 18.57
CA PHE C 173 -44.69 1.06 18.08
C PHE C 173 -45.07 2.09 19.14
N ALA C 174 -44.27 3.14 19.24
CA ALA C 174 -44.30 4.01 20.40
C ALA C 174 -44.55 5.46 20.01
N MET C 175 -45.18 6.18 20.93
CA MET C 175 -45.33 7.64 20.84
C MET C 175 -44.72 8.27 22.08
N LYS C 197 -33.84 -0.15 10.03
CA LYS C 197 -34.98 0.07 10.91
C LYS C 197 -34.85 -0.78 12.18
N HIS C 198 -35.51 -1.92 12.19
CA HIS C 198 -35.43 -2.87 13.30
C HIS C 198 -34.66 -4.13 12.91
N LEU C 199 -33.97 -4.11 11.77
CA LEU C 199 -33.19 -5.26 11.32
C LEU C 199 -31.97 -5.53 12.20
N TRP C 200 -31.77 -4.76 13.27
CA TRP C 200 -30.57 -4.95 14.08
C TRP C 200 -30.72 -6.13 15.03
N TYR C 201 -31.94 -6.36 15.54
CA TYR C 201 -32.15 -7.41 16.54
C TYR C 201 -32.59 -8.73 15.91
N MET C 202 -32.44 -8.87 14.60
CA MET C 202 -32.88 -10.11 14.00
C MET C 202 -31.70 -10.98 13.61
N PRO C 203 -31.86 -12.30 13.71
CA PRO C 203 -30.76 -13.22 13.41
C PRO C 203 -30.53 -13.38 11.92
N GLU C 204 -29.41 -14.03 11.59
CA GLU C 204 -29.08 -14.30 10.20
C GLU C 204 -30.10 -15.22 9.55
N GLU C 205 -30.65 -16.17 10.32
CA GLU C 205 -31.65 -17.09 9.81
C GLU C 205 -32.88 -16.37 9.28
N TYR C 206 -33.16 -15.17 9.78
CA TYR C 206 -34.33 -14.39 9.42
C TYR C 206 -34.05 -13.39 8.31
N ILE C 207 -32.88 -12.74 8.33
CA ILE C 207 -32.59 -11.76 7.30
C ILE C 207 -32.24 -12.46 5.99
N ARG C 208 -31.71 -13.68 6.06
CA ARG C 208 -31.30 -14.42 4.87
C ARG C 208 -32.38 -15.38 4.39
N GLN C 209 -32.80 -16.32 5.23
CA GLN C 209 -33.78 -17.34 4.86
C GLN C 209 -35.21 -16.92 5.17
N GLY C 210 -35.43 -15.73 5.73
CA GLY C 210 -36.77 -15.26 6.01
C GLY C 210 -37.58 -16.14 6.92
N LYS C 211 -36.93 -16.80 7.89
CA LYS C 211 -37.58 -17.78 8.74
C LYS C 211 -37.75 -17.21 10.14
N LEU C 212 -39.00 -17.00 10.54
CA LEU C 212 -39.32 -16.67 11.92
C LEU C 212 -39.49 -17.93 12.75
N SER C 213 -39.12 -17.83 14.02
CA SER C 213 -39.12 -18.96 14.93
C SER C 213 -39.33 -18.44 16.34
N ILE C 214 -39.66 -19.38 17.25
CA ILE C 214 -39.73 -19.02 18.66
C ILE C 214 -38.37 -18.56 19.16
N LYS C 215 -37.30 -19.06 18.56
CA LYS C 215 -35.94 -18.70 18.94
C LYS C 215 -35.48 -17.37 18.35
N THR C 216 -36.33 -16.68 17.59
CA THR C 216 -35.90 -15.43 16.97
C THR C 216 -35.98 -14.26 17.94
N ASP C 217 -37.05 -14.17 18.73
CA ASP C 217 -37.07 -13.14 19.75
C ASP C 217 -36.33 -13.57 21.02
N VAL C 218 -35.92 -14.83 21.12
CA VAL C 218 -34.85 -15.18 22.04
C VAL C 218 -33.55 -14.51 21.61
N TYR C 219 -33.26 -14.55 20.30
CA TYR C 219 -32.09 -13.87 19.76
C TYR C 219 -32.09 -12.40 20.12
N SER C 220 -33.23 -11.73 19.91
CA SER C 220 -33.30 -10.30 20.19
C SER C 220 -33.17 -10.03 21.68
N PHE C 221 -33.69 -10.93 22.53
CA PHE C 221 -33.58 -10.74 23.97
C PHE C 221 -32.13 -10.85 24.43
N GLY C 222 -31.33 -11.65 23.73
CA GLY C 222 -29.91 -11.67 24.04
C GLY C 222 -29.23 -10.36 23.72
N ILE C 223 -29.69 -9.70 22.65
CA ILE C 223 -29.14 -8.39 22.29
C ILE C 223 -29.35 -7.41 23.43
N VAL C 224 -30.58 -7.36 23.96
CA VAL C 224 -30.89 -6.33 24.95
C VAL C 224 -30.15 -6.61 26.25
N ILE C 225 -29.91 -7.89 26.58
CA ILE C 225 -29.05 -8.21 27.72
C ILE C 225 -27.68 -7.57 27.53
N MET C 226 -27.06 -7.80 26.36
CA MET C 226 -25.83 -7.11 26.02
C MET C 226 -26.00 -5.61 26.20
N GLU C 227 -27.16 -5.10 25.79
CA GLU C 227 -27.38 -3.67 25.78
C GLU C 227 -27.62 -3.11 27.18
N VAL C 228 -28.03 -3.95 28.13
CA VAL C 228 -28.24 -3.46 29.48
C VAL C 228 -27.00 -3.67 30.34
N LEU C 229 -26.16 -4.65 30.02
CA LEU C 229 -24.89 -4.80 30.73
C LEU C 229 -23.92 -3.69 30.34
N THR C 230 -23.75 -3.46 29.04
CA THR C 230 -22.75 -2.52 28.57
C THR C 230 -23.25 -1.07 28.59
N GLY C 231 -24.55 -0.86 28.60
CA GLY C 231 -25.06 0.49 28.44
C GLY C 231 -24.70 1.11 27.11
N CYS C 232 -24.38 0.29 26.11
CA CYS C 232 -24.04 0.74 24.77
C CYS C 232 -25.26 0.71 23.86
N ARG C 233 -25.16 1.42 22.75
CA ARG C 233 -26.17 1.28 21.71
C ARG C 233 -25.95 -0.05 20.98
N VAL C 234 -27.00 -0.53 20.31
CA VAL C 234 -26.88 -1.80 19.61
C VAL C 234 -25.96 -1.66 18.41
N VAL C 235 -25.95 -0.49 17.76
CA VAL C 235 -24.95 -0.16 16.76
C VAL C 235 -24.12 0.99 17.30
N LEU C 236 -22.80 0.86 17.22
CA LEU C 236 -21.92 1.81 17.89
C LEU C 236 -21.79 3.09 17.07
N ASP C 237 -21.66 4.22 17.78
CA ASP C 237 -21.72 5.53 17.14
C ASP C 237 -20.58 5.76 16.17
N ASP C 238 -19.47 5.06 16.30
CA ASP C 238 -18.32 5.31 15.44
C ASP C 238 -18.67 5.03 13.98
N PRO C 239 -18.11 5.81 13.05
CA PRO C 239 -18.50 5.69 11.63
C PRO C 239 -18.22 4.32 11.02
N LYS C 240 -17.39 3.49 11.66
CA LYS C 240 -17.20 2.12 11.18
C LYS C 240 -18.48 1.29 11.29
N HIS C 241 -19.39 1.68 12.18
CA HIS C 241 -20.69 1.02 12.36
C HIS C 241 -20.52 -0.48 12.62
N ILE C 242 -19.91 -0.75 13.76
CA ILE C 242 -19.74 -2.11 14.25
C ILE C 242 -20.91 -2.43 15.17
N GLN C 243 -21.57 -3.56 14.93
CA GLN C 243 -22.68 -3.95 15.79
C GLN C 243 -22.19 -4.38 17.15
N LEU C 244 -23.00 -4.12 18.18
CA LEU C 244 -22.62 -4.51 19.54
C LEU C 244 -22.43 -6.01 19.64
N ARG C 245 -23.40 -6.79 19.15
CA ARG C 245 -23.33 -8.24 19.25
C ARG C 245 -22.04 -8.76 18.64
N ASP C 246 -21.64 -8.18 17.51
CA ASP C 246 -20.43 -8.64 16.83
C ASP C 246 -19.18 -8.33 17.65
N LEU C 247 -19.12 -7.14 18.25
CA LEU C 247 -17.99 -6.80 19.09
C LEU C 247 -17.88 -7.74 20.27
N LEU C 248 -18.97 -7.90 21.03
CA LEU C 248 -18.91 -8.72 22.23
C LEU C 248 -18.55 -10.16 21.91
N ARG C 249 -19.02 -10.69 20.78
CA ARG C 249 -18.67 -12.08 20.52
C ARG C 249 -17.30 -12.25 19.88
N GLU C 250 -16.62 -11.16 19.50
CA GLU C 250 -15.17 -11.28 19.30
C GLU C 250 -14.43 -11.37 20.61
N LEU C 251 -14.92 -10.66 21.62
CA LEU C 251 -14.23 -10.63 22.91
C LEU C 251 -14.23 -12.01 23.57
N MET C 252 -15.36 -12.74 23.51
CA MET C 252 -15.38 -14.07 24.10
C MET C 252 -14.63 -15.08 23.25
N GLU C 253 -14.76 -14.98 21.92
CA GLU C 253 -14.09 -15.95 21.06
C GLU C 253 -12.58 -15.87 21.23
N LYS C 254 -12.03 -14.67 21.36
CA LYS C 254 -10.59 -14.47 21.39
C LYS C 254 -10.04 -14.44 22.81
N ARG C 255 -10.73 -13.80 23.76
CA ARG C 255 -10.20 -13.62 25.10
C ARG C 255 -11.13 -14.06 26.22
N GLY C 256 -12.43 -14.21 25.99
CA GLY C 256 -13.33 -14.75 26.98
C GLY C 256 -13.98 -13.68 27.85
N LEU C 257 -14.65 -14.16 28.90
CA LEU C 257 -15.35 -13.24 29.81
C LEU C 257 -14.42 -12.23 30.45
N ASP C 258 -13.12 -12.52 30.51
CA ASP C 258 -12.16 -11.57 31.06
C ASP C 258 -12.25 -10.22 30.35
N SER C 259 -12.40 -10.24 29.02
CA SER C 259 -12.43 -9.02 28.24
C SER C 259 -13.82 -8.39 28.16
N CYS C 260 -14.87 -9.21 28.21
CA CYS C 260 -16.23 -8.66 28.20
C CYS C 260 -16.47 -7.76 29.41
N LEU C 261 -16.05 -8.21 30.58
CA LEU C 261 -16.32 -7.48 31.81
C LEU C 261 -15.73 -6.07 31.77
N SER C 262 -14.74 -5.83 30.91
CA SER C 262 -14.23 -4.49 30.71
C SER C 262 -15.21 -3.59 29.97
N PHE C 263 -16.27 -4.15 29.39
CA PHE C 263 -17.33 -3.38 28.74
C PHE C 263 -18.56 -3.17 29.60
N LEU C 264 -18.58 -3.66 30.85
CA LEU C 264 -19.70 -3.35 31.73
C LEU C 264 -19.92 -1.85 31.79
N ASP C 265 -21.19 -1.46 31.92
CA ASP C 265 -21.54 -0.05 32.02
C ASP C 265 -20.82 0.57 33.21
N LYS C 266 -19.95 1.54 32.93
CA LYS C 266 -19.14 2.17 33.95
C LYS C 266 -19.83 3.35 34.62
N LYS C 267 -21.04 3.70 34.16
CA LYS C 267 -21.80 4.80 34.75
C LYS C 267 -22.45 4.44 36.07
N VAL C 268 -22.33 3.19 36.52
CA VAL C 268 -22.83 2.76 37.83
C VAL C 268 -21.72 1.99 38.54
N PRO C 269 -21.72 1.95 39.87
CA PRO C 269 -20.65 1.25 40.58
C PRO C 269 -20.60 -0.21 40.15
N PRO C 270 -19.42 -0.84 40.22
CA PRO C 270 -19.28 -2.18 39.65
C PRO C 270 -20.14 -3.19 40.38
N CYS C 271 -20.67 -4.13 39.61
CA CYS C 271 -21.51 -5.23 40.06
C CYS C 271 -20.63 -6.43 40.40
N PRO C 272 -21.12 -7.35 41.23
CA PRO C 272 -20.37 -8.58 41.50
C PRO C 272 -20.00 -9.29 40.21
N ARG C 273 -18.86 -9.97 40.24
CA ARG C 273 -18.30 -10.51 39.01
C ARG C 273 -19.10 -11.71 38.52
N ASN C 274 -19.51 -12.60 39.43
CA ASN C 274 -20.33 -13.75 39.02
C ASN C 274 -21.65 -13.30 38.43
N PHE C 275 -22.18 -12.17 38.91
CA PHE C 275 -23.38 -11.58 38.32
C PHE C 275 -23.19 -11.32 36.83
N SER C 276 -22.24 -10.45 36.50
CA SER C 276 -21.96 -10.16 35.10
C SER C 276 -21.37 -11.37 34.38
N ALA C 277 -20.67 -12.25 35.10
CA ALA C 277 -20.10 -13.43 34.45
C ALA C 277 -21.19 -14.31 33.86
N LYS C 278 -22.27 -14.54 34.60
CA LYS C 278 -23.32 -15.42 34.11
C LYS C 278 -24.26 -14.74 33.13
N LEU C 279 -24.34 -13.40 33.15
CA LEU C 279 -25.20 -12.71 32.20
C LEU C 279 -24.56 -12.63 30.82
N PHE C 280 -23.27 -12.26 30.75
CA PHE C 280 -22.57 -12.30 29.46
C PHE C 280 -22.65 -13.68 28.84
N CYS C 281 -22.33 -14.72 29.63
CA CYS C 281 -22.45 -16.09 29.15
C CYS C 281 -23.86 -16.36 28.63
N LEU C 282 -24.87 -15.85 29.34
CA LEU C 282 -26.25 -16.06 28.95
C LEU C 282 -26.56 -15.38 27.63
N ALA C 283 -26.24 -14.09 27.53
CA ALA C 283 -26.54 -13.33 26.31
C ALA C 283 -25.87 -13.96 25.10
N GLY C 284 -24.74 -14.63 25.29
CA GLY C 284 -24.08 -15.29 24.18
C GLY C 284 -24.92 -16.42 23.61
N ARG C 285 -25.42 -17.29 24.49
CA ARG C 285 -26.25 -18.40 24.02
C ARG C 285 -27.58 -17.92 23.49
N CYS C 286 -28.12 -16.85 24.09
CA CYS C 286 -29.36 -16.25 23.57
C CYS C 286 -29.16 -15.62 22.20
N ALA C 287 -27.95 -15.19 21.86
CA ALA C 287 -27.69 -14.51 20.60
C ALA C 287 -26.77 -15.31 19.69
N ALA C 288 -26.73 -16.63 19.84
CA ALA C 288 -25.95 -17.45 18.93
C ALA C 288 -26.49 -17.36 17.51
N THR C 289 -25.59 -17.33 16.53
CA THR C 289 -26.02 -17.28 15.14
C THR C 289 -26.89 -18.49 14.80
N ARG C 290 -26.53 -19.67 15.29
CA ARG C 290 -27.24 -20.90 14.98
C ARG C 290 -28.39 -21.12 15.97
N ALA C 291 -29.53 -21.59 15.44
CA ALA C 291 -30.77 -21.53 16.19
C ALA C 291 -30.83 -22.60 17.27
N LYS C 292 -30.30 -23.78 17.01
CA LYS C 292 -30.41 -24.89 17.95
C LYS C 292 -29.75 -24.59 19.29
N LEU C 293 -28.84 -23.60 19.33
CA LEU C 293 -28.12 -23.27 20.55
C LEU C 293 -28.84 -22.28 21.45
N ARG C 294 -29.71 -21.45 20.90
CA ARG C 294 -30.47 -20.52 21.73
C ARG C 294 -31.31 -21.29 22.73
N PRO C 295 -31.25 -20.95 24.02
CA PRO C 295 -32.03 -21.68 25.02
C PRO C 295 -33.49 -21.30 24.98
N SER C 296 -34.32 -22.17 25.55
CA SER C 296 -35.72 -21.87 25.68
C SER C 296 -35.92 -20.68 26.61
N MET C 297 -36.98 -19.91 26.36
CA MET C 297 -37.24 -18.72 27.17
C MET C 297 -37.52 -19.09 28.62
N ASP C 298 -37.84 -20.35 28.90
CA ASP C 298 -38.00 -20.78 30.29
C ASP C 298 -36.66 -20.93 30.98
N GLU C 299 -35.65 -21.44 30.27
CA GLU C 299 -34.33 -21.60 30.86
C GLU C 299 -33.72 -20.26 31.21
N VAL C 300 -33.72 -19.32 30.26
CA VAL C 300 -33.13 -18.01 30.51
C VAL C 300 -33.84 -17.30 31.65
N LEU C 301 -35.14 -17.56 31.84
CA LEU C 301 -35.83 -16.97 32.99
C LEU C 301 -35.30 -17.57 34.30
N ASN C 302 -35.05 -18.88 34.31
CA ASN C 302 -34.48 -19.50 35.50
C ASN C 302 -33.08 -18.98 35.77
N THR C 303 -32.30 -18.76 34.72
CA THR C 303 -30.96 -18.21 34.88
C THR C 303 -31.01 -16.78 35.40
N LEU C 304 -31.94 -15.98 34.89
CA LEU C 304 -32.06 -14.60 35.35
C LEU C 304 -32.50 -14.54 36.80
N GLU C 305 -33.48 -15.37 37.19
CA GLU C 305 -33.90 -15.40 38.59
C GLU C 305 -32.78 -15.88 39.49
N SER C 306 -31.98 -16.85 39.00
CA SER C 306 -30.88 -17.37 39.80
C SER C 306 -29.84 -16.29 40.07
N THR C 307 -29.52 -15.47 39.07
CA THR C 307 -28.52 -14.43 39.27
C THR C 307 -29.07 -13.30 40.12
N GLN C 308 -30.39 -13.09 40.10
CA GLN C 308 -30.99 -12.04 40.93
C GLN C 308 -30.79 -12.35 42.41
N ALA C 309 -31.14 -13.57 42.82
CA ALA C 309 -30.91 -13.98 44.21
C ALA C 309 -29.43 -13.83 44.57
N SER C 310 -28.54 -14.20 43.65
CA SER C 310 -27.11 -14.00 43.88
C SER C 310 -26.79 -12.53 44.15
N LEU C 311 -27.32 -11.64 43.33
CA LEU C 311 -27.08 -10.22 43.56
C LEU C 311 -27.67 -9.77 44.89
N TYR C 312 -28.92 -10.16 45.17
CA TYR C 312 -29.57 -9.69 46.39
C TYR C 312 -28.89 -10.26 47.63
N PHE C 313 -28.55 -11.54 47.60
CA PHE C 313 -28.10 -12.22 48.80
C PHE C 313 -26.66 -11.86 49.15
N ALA C 314 -25.91 -11.27 48.21
CA ALA C 314 -24.51 -10.98 48.42
C ALA C 314 -24.33 -9.94 49.53
N GLU C 315 -23.34 -10.17 50.39
CA GLU C 315 -23.08 -9.28 51.52
C GLU C 315 -22.01 -8.25 51.16
#